data_9GE4
#
_entry.id   9GE4
#
_cell.length_a   1.00
_cell.length_b   1.00
_cell.length_c   1.00
_cell.angle_alpha   90.00
_cell.angle_beta   90.00
_cell.angle_gamma   90.00
#
_symmetry.space_group_name_H-M   'P 1'
#
loop_
_entity.id
_entity.type
_entity.pdbx_description
1 polymer 'Nucleosome DNA strand 1 (152-MER)'
2 polymer 'Nucleosome DNA strand 2 (152-MER)'
3 polymer 'Histone H3.1'
4 polymer 'Histone H4'
5 polymer 'Histone H2A.Z'
6 polymer 'Histone H2B type 2-E'
7 polymer 'Histone H2A.Z'
#
loop_
_entity_poly.entity_id
_entity_poly.type
_entity_poly.pdbx_seq_one_letter_code
_entity_poly.pdbx_strand_id
1 'polydeoxyribonucleotide'
;(DC)(DA)(DA)(DT)(DA)(DT)(DC)(DC)(DC)(DG)(DA)(DG)(DT)(DA)(DC)(DA)(DT)(DG)(DC)(DA)
(DC)(DA)(DG)(DG)(DA)(DT)(DG)(DT)(DA)(DT)(DA)(DT)(DA)(DT)(DC)(DT)(DG)(DA)(DC)(DA)
(DC)(DG)(DT)(DG)(DC)(DC)(DT)(DG)(DG)(DA)(DG)(DA)(DC)(DT)(DA)(DG)(DG)(DG)(DA)(DG)
(DT)(DA)(DA)(DT)(DC)(DC)(DC)(DC)(DT)(DT)(DG)(DG)(DC)(DG)(DG)(DT)(DT)(DA)(DA)(DA)
(DA)(DC)(DG)(DC)(DG)(DG)(DG)(DG)(DG)(DA)(DC)(DA)(DG)(DC)(DG)(DC)(DG)(DT)(DA)(DC)
(DG)(DT)(DG)(DC)(DG)(DT)(DT)(DT)(DA)(DA)(DG)(DC)(DG)(DG)(DT)(DG)(DC)(DT)(DA)(DG)
(DA)(DG)(DC)(DT)(DG)(DT)(DC)(DT)(DA)(DC)(DG)(DA)(DC)(DC)(DA)(DA)(DT)(DT)(DG)(DA)
(DG)(DC)(DG)(DG)(DC)(DC)(DT)(DC)(DG)(DG)(DC)(DA)
;
K
2 'polydeoxyribonucleotide'
;(DT)(DG)(DC)(DC)(DG)(DA)(DG)(DG)(DC)(DC)(DG)(DC)(DT)(DC)(DA)(DA)(DT)(DT)(DG)(DG)
(DT)(DC)(DG)(DT)(DA)(DG)(DA)(DC)(DA)(DG)(DC)(DT)(DC)(DT)(DA)(DG)(DC)(DA)(DC)(DC)
(DG)(DC)(DT)(DT)(DA)(DA)(DA)(DC)(DG)(DC)(DA)(DC)(DG)(DT)(DA)(DC)(DG)(DC)(DG)(DC)
(DT)(DG)(DT)(DC)(DC)(DC)(DC)(DC)(DG)(DC)(DG)(DT)(DT)(DT)(DT)(DA)(DA)(DC)(DC)(DG)
(DC)(DC)(DA)(DA)(DG)(DG)(DG)(DG)(DA)(DT)(DT)(DA)(DC)(DT)(DC)(DC)(DC)(DT)(DA)(DG)
(DT)(DC)(DT)(DC)(DC)(DA)(DG)(DG)(DC)(DA)(DC)(DG)(DT)(DG)(DT)(DC)(DA)(DG)(DA)(DT)
(DA)(DT)(DA)(DT)(DA)(DC)(DA)(DT)(DC)(DC)(DT)(DG)(DT)(DG)(DC)(DA)(DT)(DG)(DT)(DA)
(DC)(DT)(DC)(DG)(DG)(DG)(DA)(DT)(DA)(DT)(DT)(DG)
;
L
3 'polypeptide(L)'
;MARTKQTARKSTGGKAPRKQLATKAARKSAPATGGVKKPHRYRPGTVALREIRRYQKSTELLIRKLPFQRLVREIAQDFK
TDLRFQSSAVMALQEACEAYLVGLFEDTNLCAIHAKRVTIMPKDIQLARRIRGERA
;
M,Q
4 'polypeptide(L)'
;SGRGKGGKGLGKGGAKRHRKVLRDNIQGITKPAIRRLARRGGVKRISGLIYEETRGVLKVFLENVIRDAVTYTEHAKRKT
VTAMDVVYALKRQGRTLYGFGG
;
N,R
5 'polypeptide(L)'
;AGGKAGKDSGKAKTKAVSRSQRAGLQFPVGRIHRHLKSRTTSHGRVGATAAVYSAAILEYLTAEVLELAGNASKDLKVKR
ITPRHLQLAIRGDEELDSLIKATIAGGGVIPHIHKSLIGKKGQQKTV
;
O
6 'polypeptide(L)'
;PEPAKSAPAPKKGSKKAVTKAQKKDGKKRKRSRKESYSIYVYKVLKQVHPDTGISSKAMGIMNSFVNDIFERIAGEASRL
AHYNKRSTITSREIQTAVRLLLPGELAKHAVSEGTKAVTKYTSSK
;
P,T
7 'polypeptide(L)'
;AGGKAGKDSGKAKTKAVSRSQRAGLQFPVGRIHRHLKSRTTSHGRVGATAAVYSAAILEYLTAEVLELAGNASKDLKVKR
ITPRHLQLAIRGDEELDSLIKATIAGGGVLPHIHKSLIGKKGQQKTV
;
S
#
# COMPACT_ATOMS: atom_id res chain seq x y z
N PRO C 44 -34.52 -19.53 22.62
CA PRO C 44 -33.31 -19.00 23.23
C PRO C 44 -32.15 -18.80 22.24
N GLY C 45 -31.31 -17.79 22.52
CA GLY C 45 -30.17 -17.44 21.69
C GLY C 45 -30.53 -16.71 20.39
N THR C 46 -31.78 -16.21 20.28
CA THR C 46 -32.35 -15.74 19.02
C THR C 46 -32.33 -14.22 18.97
N VAL C 47 -32.55 -13.50 20.08
CA VAL C 47 -32.60 -12.04 20.05
C VAL C 47 -31.24 -11.41 19.72
N ALA C 48 -30.15 -12.03 20.17
CA ALA C 48 -28.83 -11.58 19.79
C ALA C 48 -28.63 -11.68 18.28
N LEU C 49 -29.24 -12.68 17.63
CA LEU C 49 -29.18 -12.87 16.20
C LEU C 49 -30.13 -11.91 15.47
N ARG C 50 -31.24 -11.53 16.11
CA ARG C 50 -32.16 -10.54 15.58
C ARG C 50 -31.52 -9.16 15.48
N GLU C 51 -30.63 -8.80 16.39
CA GLU C 51 -29.82 -7.58 16.27
C GLU C 51 -28.89 -7.55 15.04
N ILE C 52 -28.33 -8.67 14.60
CA ILE C 52 -27.50 -8.69 13.42
C ILE C 52 -28.31 -8.19 12.21
N ARG C 53 -29.51 -8.70 12.03
CA ARG C 53 -30.32 -8.38 10.88
C ARG C 53 -30.77 -6.93 10.91
N ARG C 54 -30.77 -6.28 12.10
CA ARG C 54 -31.08 -4.87 12.24
C ARG C 54 -29.90 -4.02 11.79
N TYR C 55 -28.77 -4.18 12.47
CA TYR C 55 -27.64 -3.30 12.22
C TYR C 55 -26.94 -3.57 10.88
N GLN C 56 -27.22 -4.66 10.18
CA GLN C 56 -26.68 -4.83 8.86
C GLN C 56 -27.60 -4.24 7.80
N LYS C 57 -28.77 -3.68 8.19
CA LYS C 57 -29.68 -3.03 7.25
C LYS C 57 -29.54 -1.51 7.35
N SER C 58 -29.37 -0.99 8.56
CA SER C 58 -29.21 0.45 8.72
C SER C 58 -27.77 0.85 8.44
N THR C 59 -27.61 2.12 8.00
CA THR C 59 -26.34 2.74 7.64
C THR C 59 -26.02 3.96 8.51
N GLU C 60 -26.76 4.15 9.62
CA GLU C 60 -26.48 5.17 10.61
C GLU C 60 -25.09 4.98 11.22
N LEU C 61 -24.55 6.06 11.81
CA LEU C 61 -23.38 6.00 12.69
C LEU C 61 -23.80 5.48 14.07
N LEU C 62 -22.95 4.61 14.67
CA LEU C 62 -23.34 3.76 15.78
C LEU C 62 -22.77 4.27 17.09
N ILE C 63 -21.69 5.06 17.07
CA ILE C 63 -21.17 5.71 18.29
C ILE C 63 -21.88 7.06 18.53
N ARG C 64 -22.17 7.39 19.80
CA ARG C 64 -22.74 8.69 20.08
C ARG C 64 -21.83 9.84 19.61
N LYS C 65 -22.38 10.89 18.97
CA LYS C 65 -21.59 11.92 18.33
C LYS C 65 -20.77 12.70 19.36
N LEU C 66 -21.41 13.31 20.38
CA LEU C 66 -20.68 14.21 21.27
C LEU C 66 -19.56 13.47 22.02
N PRO C 67 -19.81 12.30 22.62
CA PRO C 67 -18.74 11.52 23.20
C PRO C 67 -17.57 11.20 22.28
N PHE C 68 -17.81 10.96 20.99
CA PHE C 68 -16.70 10.73 20.07
C PHE C 68 -15.98 12.03 19.75
N GLN C 69 -16.71 13.12 19.57
CA GLN C 69 -16.09 14.39 19.27
C GLN C 69 -15.17 14.83 20.41
N ARG C 70 -15.58 14.67 21.69
CA ARG C 70 -14.74 15.09 22.79
C ARG C 70 -13.51 14.20 22.94
N LEU C 71 -13.58 12.91 22.55
CA LEU C 71 -12.39 12.07 22.52
C LEU C 71 -11.40 12.60 21.49
N VAL C 72 -11.80 12.93 20.25
CA VAL C 72 -10.88 13.40 19.22
C VAL C 72 -10.27 14.73 19.60
N ARG C 73 -10.96 15.63 20.30
CA ARG C 73 -10.34 16.83 20.84
C ARG C 73 -9.29 16.50 21.88
N GLU C 74 -9.48 15.46 22.71
CA GLU C 74 -8.50 15.05 23.70
C GLU C 74 -7.24 14.52 23.00
N ILE C 75 -7.37 13.63 22.05
CA ILE C 75 -6.20 13.00 21.46
C ILE C 75 -5.35 14.00 20.67
N ALA C 76 -5.91 15.08 20.11
CA ALA C 76 -5.13 16.06 19.37
C ALA C 76 -4.35 17.00 20.28
N GLN C 77 -4.71 17.22 21.54
CA GLN C 77 -4.00 18.18 22.38
C GLN C 77 -2.51 17.85 22.60
N ASP C 78 -2.13 16.56 22.56
CA ASP C 78 -0.74 16.20 22.76
C ASP C 78 0.06 16.34 21.45
N PHE C 79 -0.60 16.67 20.33
CA PHE C 79 0.08 17.06 19.10
C PHE C 79 0.23 18.57 18.95
N LYS C 80 -0.82 19.35 19.21
CA LYS C 80 -0.68 20.78 19.41
C LYS C 80 -1.82 21.35 20.27
N THR C 81 -1.49 22.36 21.10
CA THR C 81 -2.50 23.05 21.91
C THR C 81 -3.36 23.94 21.02
N ASP C 82 -4.64 24.12 21.40
CA ASP C 82 -5.56 25.08 20.80
C ASP C 82 -5.73 24.90 19.28
N LEU C 83 -5.93 23.66 18.80
CA LEU C 83 -6.61 23.46 17.53
C LEU C 83 -8.03 23.97 17.61
N ARG C 84 -8.58 24.25 16.41
CA ARG C 84 -10.01 24.30 16.15
C ARG C 84 -10.29 23.26 15.07
N PHE C 85 -11.41 22.55 15.24
CA PHE C 85 -11.81 21.54 14.31
C PHE C 85 -13.00 22.03 13.48
N GLN C 86 -12.86 21.88 12.18
CA GLN C 86 -13.98 22.12 11.29
C GLN C 86 -15.05 21.05 11.48
N SER C 87 -16.34 21.43 11.51
CA SER C 87 -17.40 20.50 11.84
C SER C 87 -17.46 19.26 10.92
N SER C 88 -16.94 19.37 9.69
CA SER C 88 -16.91 18.23 8.78
C SER C 88 -15.71 17.32 8.98
N ALA C 89 -14.64 17.84 9.59
CA ALA C 89 -13.48 17.01 9.89
C ALA C 89 -13.80 15.94 10.93
N VAL C 90 -14.50 16.33 12.02
CA VAL C 90 -14.88 15.42 13.07
C VAL C 90 -15.79 14.33 12.49
N MET C 91 -16.67 14.65 11.56
CA MET C 91 -17.48 13.64 10.92
C MET C 91 -16.63 12.70 10.06
N ALA C 92 -15.68 13.26 9.32
CA ALA C 92 -14.88 12.43 8.44
C ALA C 92 -13.97 11.45 9.20
N LEU C 93 -13.57 11.78 10.45
CA LEU C 93 -12.94 10.82 11.34
C LEU C 93 -13.92 9.70 11.70
N GLN C 94 -15.12 10.05 12.18
CA GLN C 94 -16.07 9.07 12.67
C GLN C 94 -16.43 8.06 11.57
N GLU C 95 -16.73 8.55 10.38
CA GLU C 95 -17.03 7.68 9.26
C GLU C 95 -15.92 6.69 8.94
N ALA C 96 -14.66 7.05 9.21
CA ALA C 96 -13.51 6.19 8.92
C ALA C 96 -13.21 5.24 10.09
N CYS C 97 -13.46 5.69 11.33
CA CYS C 97 -13.31 4.85 12.52
C CYS C 97 -14.26 3.68 12.53
N GLU C 98 -15.55 3.98 12.41
CA GLU C 98 -16.55 2.94 12.43
C GLU C 98 -16.30 1.93 11.32
N ALA C 99 -15.87 2.38 10.18
CA ALA C 99 -15.56 1.52 9.07
C ALA C 99 -14.28 0.70 9.28
N TYR C 100 -13.42 1.09 10.21
CA TYR C 100 -12.25 0.30 10.56
C TYR C 100 -12.60 -0.73 11.64
N LEU C 101 -13.30 -0.29 12.69
CA LEU C 101 -13.72 -1.13 13.79
C LEU C 101 -14.58 -2.29 13.25
N VAL C 102 -15.57 -1.97 12.45
CA VAL C 102 -16.45 -2.99 11.93
C VAL C 102 -15.74 -3.90 10.94
N GLY C 103 -14.74 -3.44 10.24
CA GLY C 103 -13.92 -4.35 9.44
C GLY C 103 -13.09 -5.29 10.33
N LEU C 104 -12.60 -4.80 11.47
CA LEU C 104 -11.83 -5.63 12.38
C LEU C 104 -12.73 -6.67 13.03
N PHE C 105 -13.98 -6.38 13.42
CA PHE C 105 -14.86 -7.41 13.98
C PHE C 105 -15.25 -8.46 12.92
N GLU C 106 -15.43 -8.08 11.66
CA GLU C 106 -15.62 -9.03 10.58
C GLU C 106 -14.42 -9.99 10.51
N ASP C 107 -13.19 -9.48 10.48
CA ASP C 107 -11.97 -10.29 10.40
C ASP C 107 -11.69 -11.03 11.70
N THR C 108 -12.14 -10.53 12.86
CA THR C 108 -11.97 -11.19 14.16
C THR C 108 -12.87 -12.40 14.34
N ASN C 109 -14.12 -12.31 13.93
CA ASN C 109 -15.04 -13.41 14.03
C ASN C 109 -14.47 -14.65 13.35
N LEU C 110 -13.87 -14.54 12.15
CA LEU C 110 -13.26 -15.62 11.39
C LEU C 110 -12.28 -16.47 12.20
N CYS C 111 -11.58 -15.84 13.16
CA CYS C 111 -10.66 -16.51 14.06
C CYS C 111 -11.39 -17.31 15.15
N ALA C 112 -12.45 -16.75 15.72
CA ALA C 112 -13.25 -17.49 16.68
C ALA C 112 -13.87 -18.75 16.06
N ILE C 113 -14.36 -18.66 14.82
CA ILE C 113 -14.84 -19.81 14.08
C ILE C 113 -13.73 -20.84 13.89
N HIS C 114 -12.49 -20.39 13.67
CA HIS C 114 -11.38 -21.28 13.45
C HIS C 114 -11.08 -22.13 14.69
N ALA C 115 -11.23 -21.55 15.88
CA ALA C 115 -11.03 -22.28 17.11
C ALA C 115 -12.25 -23.07 17.59
N LYS C 116 -13.24 -23.29 16.71
CA LYS C 116 -14.45 -24.05 17.01
C LYS C 116 -15.34 -23.31 18.02
N ARG C 117 -15.00 -22.07 18.37
CA ARG C 117 -15.82 -21.30 19.31
C ARG C 117 -16.96 -20.57 18.59
N VAL C 118 -17.78 -19.87 19.39
CA VAL C 118 -18.69 -18.83 18.92
C VAL C 118 -18.26 -17.49 19.44
N THR C 119 -17.75 -17.47 20.68
CA THR C 119 -17.50 -16.22 21.36
C THR C 119 -16.17 -15.64 20.89
N ILE C 120 -16.12 -14.37 20.51
CA ILE C 120 -14.90 -13.64 20.24
C ILE C 120 -14.22 -13.22 21.55
N MET C 121 -12.88 -13.22 21.50
CA MET C 121 -12.08 -12.97 22.67
C MET C 121 -10.86 -12.14 22.29
N PRO C 122 -10.21 -11.48 23.26
CA PRO C 122 -9.11 -10.62 22.91
C PRO C 122 -8.04 -11.39 22.15
N LYS C 123 -7.85 -12.71 22.43
CA LYS C 123 -6.79 -13.42 21.72
C LYS C 123 -7.06 -13.53 20.22
N ASP C 124 -8.32 -13.31 19.82
CA ASP C 124 -8.73 -13.29 18.42
C ASP C 124 -8.44 -11.95 17.79
N ILE C 125 -8.73 -10.85 18.49
CA ILE C 125 -8.39 -9.52 18.02
C ILE C 125 -6.87 -9.44 17.83
N GLN C 126 -6.11 -9.90 18.84
CA GLN C 126 -4.66 -9.93 18.80
C GLN C 126 -4.19 -10.70 17.57
N LEU C 127 -4.80 -11.84 17.23
CA LEU C 127 -4.41 -12.63 16.07
C LEU C 127 -4.74 -11.86 14.79
N ALA C 128 -5.95 -11.34 14.71
CA ALA C 128 -6.37 -10.63 13.51
C ALA C 128 -5.49 -9.40 13.27
N ARG C 129 -5.00 -8.69 14.28
CA ARG C 129 -4.08 -7.59 14.11
C ARG C 129 -2.66 -8.06 13.79
N ARG C 130 -2.09 -9.05 14.49
CA ARG C 130 -0.78 -9.59 14.17
C ARG C 130 -0.67 -10.15 12.74
N ILE C 131 -1.67 -10.88 12.27
CA ILE C 131 -1.59 -11.51 10.97
C ILE C 131 -1.80 -10.51 9.84
N ARG C 132 -2.51 -9.42 10.18
CA ARG C 132 -2.80 -8.30 9.28
C ARG C 132 -1.61 -7.37 9.14
N GLY C 133 -0.80 -7.27 10.20
CA GLY C 133 0.45 -6.51 10.18
C GLY C 133 0.33 -5.12 10.82
N GLU C 134 -0.60 -4.96 11.78
CA GLU C 134 -0.71 -3.75 12.59
C GLU C 134 0.30 -3.76 13.78
N LEU D 22 -8.27 17.59 28.84
CA LEU D 22 -9.47 16.72 28.81
C LEU D 22 -9.28 15.55 29.77
N ARG D 23 -10.40 15.02 30.30
CA ARG D 23 -10.39 14.18 31.50
C ARG D 23 -10.03 12.72 31.19
N ASP D 24 -10.98 11.98 30.58
CA ASP D 24 -10.93 10.51 30.48
C ASP D 24 -11.85 10.00 29.37
N ASN D 25 -11.93 10.75 28.27
CA ASN D 25 -13.06 10.73 27.37
C ASN D 25 -13.17 9.46 26.53
N ILE D 26 -12.17 8.58 26.56
CA ILE D 26 -12.26 7.29 25.89
C ILE D 26 -13.33 6.40 26.55
N GLN D 27 -13.64 6.64 27.82
CA GLN D 27 -14.73 5.94 28.50
C GLN D 27 -16.09 6.25 27.86
N GLY D 28 -16.18 7.34 27.08
CA GLY D 28 -17.40 7.70 26.38
C GLY D 28 -17.71 6.79 25.17
N ILE D 29 -16.77 5.92 24.75
CA ILE D 29 -17.16 4.83 23.88
C ILE D 29 -17.75 3.75 24.80
N THR D 30 -19.02 3.96 25.19
CA THR D 30 -19.75 3.16 26.17
C THR D 30 -19.95 1.75 25.64
N LYS D 31 -19.99 0.78 26.55
CA LYS D 31 -20.08 -0.64 26.24
C LYS D 31 -21.14 -0.97 25.18
N PRO D 32 -22.43 -0.58 25.31
CA PRO D 32 -23.43 -0.81 24.25
C PRO D 32 -23.04 -0.40 22.84
N ALA D 33 -22.29 0.70 22.70
CA ALA D 33 -21.88 1.17 21.40
C ALA D 33 -20.89 0.20 20.74
N ILE D 34 -20.00 -0.38 21.55
CA ILE D 34 -19.07 -1.38 21.06
C ILE D 34 -19.86 -2.61 20.61
N ARG D 35 -20.92 -2.96 21.35
CA ARG D 35 -21.78 -4.07 20.97
C ARG D 35 -22.50 -3.78 19.66
N ARG D 36 -22.93 -2.54 19.41
CA ARG D 36 -23.54 -2.21 18.14
C ARG D 36 -22.55 -2.46 16.99
N LEU D 37 -21.33 -1.92 17.13
CA LEU D 37 -20.30 -2.12 16.10
C LEU D 37 -20.07 -3.59 15.87
N ALA D 38 -19.93 -4.35 16.95
CA ALA D 38 -19.77 -5.78 16.87
C ALA D 38 -20.94 -6.43 16.12
N ARG D 39 -22.18 -6.05 16.45
CA ARG D 39 -23.37 -6.63 15.86
C ARG D 39 -23.38 -6.40 14.36
N ARG D 40 -22.95 -5.21 13.89
CA ARG D 40 -22.83 -4.95 12.45
C ARG D 40 -21.86 -5.94 11.79
N GLY D 41 -20.77 -6.20 12.49
CA GLY D 41 -19.70 -7.01 11.96
C GLY D 41 -20.01 -8.50 11.89
N GLY D 42 -21.08 -8.96 12.53
CA GLY D 42 -21.55 -10.33 12.28
C GLY D 42 -21.22 -11.31 13.38
N VAL D 43 -20.95 -10.80 14.61
CA VAL D 43 -20.55 -11.65 15.73
C VAL D 43 -21.71 -11.89 16.70
N LYS D 44 -21.81 -13.14 17.23
CA LYS D 44 -22.83 -13.48 18.20
C LYS D 44 -22.45 -13.09 19.63
N ARG D 45 -21.38 -13.69 20.20
CA ARG D 45 -21.14 -13.59 21.64
C ARG D 45 -19.78 -12.94 21.94
N ILE D 46 -19.77 -11.95 22.82
CA ILE D 46 -18.66 -11.05 23.03
C ILE D 46 -18.19 -11.22 24.47
N SER D 47 -17.01 -11.83 24.69
CA SER D 47 -16.46 -11.87 26.05
C SER D 47 -16.23 -10.49 26.67
N GLY D 48 -16.43 -10.31 27.99
CA GLY D 48 -16.30 -9.03 28.70
C GLY D 48 -14.94 -8.30 28.60
N LEU D 49 -13.90 -8.99 28.14
CA LEU D 49 -12.58 -8.40 27.92
C LEU D 49 -12.44 -7.75 26.54
N ILE D 50 -13.42 -7.92 25.64
CA ILE D 50 -13.42 -7.25 24.36
C ILE D 50 -13.60 -5.74 24.48
N TYR D 51 -14.29 -5.26 25.54
CA TYR D 51 -14.63 -3.84 25.67
C TYR D 51 -13.36 -3.02 25.90
N GLU D 52 -12.56 -3.45 26.88
CA GLU D 52 -11.37 -2.69 27.22
C GLU D 52 -10.25 -2.87 26.19
N GLU D 53 -10.28 -3.98 25.43
CA GLU D 53 -9.35 -4.17 24.31
C GLU D 53 -9.72 -3.25 23.15
N THR D 54 -11.02 -3.14 22.82
CA THR D 54 -11.43 -2.40 21.64
C THR D 54 -11.23 -0.89 21.82
N ARG D 55 -11.41 -0.37 23.03
CA ARG D 55 -11.02 1.01 23.28
C ARG D 55 -9.53 1.23 22.98
N GLY D 56 -8.69 0.27 23.35
CA GLY D 56 -7.27 0.30 23.08
C GLY D 56 -6.94 0.37 21.60
N VAL D 57 -7.67 -0.38 20.78
CA VAL D 57 -7.49 -0.35 19.34
C VAL D 57 -7.97 0.97 18.74
N LEU D 58 -9.09 1.49 19.21
CA LEU D 58 -9.59 2.73 18.65
C LEU D 58 -8.66 3.89 19.03
N LYS D 59 -8.18 3.99 20.29
CA LYS D 59 -7.29 5.08 20.65
C LYS D 59 -5.99 5.04 19.85
N VAL D 60 -5.39 3.88 19.60
CA VAL D 60 -4.23 3.79 18.71
C VAL D 60 -4.52 4.23 17.27
N PHE D 61 -5.69 3.90 16.71
CA PHE D 61 -6.00 4.36 15.38
C PHE D 61 -6.15 5.89 15.30
N LEU D 62 -6.88 6.52 16.25
CA LEU D 62 -7.06 7.96 16.29
C LEU D 62 -5.72 8.70 16.37
N GLU D 63 -4.82 8.24 17.24
CA GLU D 63 -3.52 8.85 17.35
C GLU D 63 -2.83 8.86 16.00
N ASN D 64 -2.77 7.72 15.31
CA ASN D 64 -1.99 7.63 14.09
C ASN D 64 -2.64 8.34 12.88
N VAL D 65 -3.89 8.80 12.96
CA VAL D 65 -4.45 9.55 11.87
C VAL D 65 -4.46 11.03 12.23
N ILE D 66 -4.86 11.43 13.43
CA ILE D 66 -4.91 12.84 13.80
C ILE D 66 -3.49 13.43 13.86
N ARG D 67 -2.44 12.65 14.12
CA ARG D 67 -1.08 13.18 14.02
C ARG D 67 -0.78 13.64 12.60
N ASP D 68 -1.03 12.78 11.59
CA ASP D 68 -0.88 13.19 10.20
C ASP D 68 -1.75 14.41 9.88
N ALA D 69 -3.00 14.43 10.30
CA ALA D 69 -3.90 15.54 10.04
C ALA D 69 -3.41 16.82 10.65
N VAL D 70 -2.84 16.79 11.84
CA VAL D 70 -2.26 18.01 12.35
C VAL D 70 -1.00 18.39 11.58
N THR D 71 -0.12 17.47 11.15
CA THR D 71 1.02 17.87 10.32
C THR D 71 0.66 18.47 8.97
N TYR D 72 -0.41 18.02 8.30
CA TYR D 72 -0.94 18.69 7.13
C TYR D 72 -1.46 20.10 7.46
N THR D 73 -2.02 20.28 8.66
CA THR D 73 -2.50 21.58 9.10
C THR D 73 -1.32 22.51 9.35
N GLU D 74 -0.30 22.07 10.09
CA GLU D 74 0.80 22.92 10.45
C GLU D 74 1.54 23.43 9.22
N HIS D 75 1.56 22.63 8.15
CA HIS D 75 2.24 23.05 6.94
C HIS D 75 1.60 24.30 6.35
N ALA D 76 0.27 24.38 6.41
CA ALA D 76 -0.48 25.49 5.83
C ALA D 76 -0.66 26.71 6.73
N LYS D 77 -0.09 26.69 7.93
CA LYS D 77 -0.14 27.78 8.90
C LYS D 77 -1.55 28.04 9.43
N ARG D 78 -2.47 27.11 9.16
CA ARG D 78 -3.80 27.17 9.76
C ARG D 78 -3.76 26.79 11.24
N LYS D 79 -4.81 27.22 11.97
CA LYS D 79 -5.13 26.65 13.27
C LYS D 79 -6.25 25.61 13.18
N THR D 80 -7.27 25.88 12.37
CA THR D 80 -8.42 24.99 12.26
C THR D 80 -8.04 23.79 11.40
N VAL D 81 -8.24 22.60 11.96
CA VAL D 81 -8.13 21.37 11.17
C VAL D 81 -9.31 21.26 10.24
N THR D 82 -9.10 20.90 8.97
CA THR D 82 -10.19 20.89 8.01
C THR D 82 -10.37 19.52 7.37
N ALA D 83 -11.50 19.30 6.73
CA ALA D 83 -11.87 17.98 6.27
C ALA D 83 -10.87 17.47 5.27
N MET D 84 -10.28 18.34 4.44
CA MET D 84 -9.34 17.84 3.47
C MET D 84 -8.05 17.33 4.14
N ASP D 85 -7.66 17.94 5.26
CA ASP D 85 -6.47 17.53 6.00
C ASP D 85 -6.62 16.10 6.48
N VAL D 86 -7.75 15.77 7.10
CA VAL D 86 -8.00 14.41 7.57
C VAL D 86 -8.19 13.47 6.38
N VAL D 87 -8.77 13.89 5.28
CA VAL D 87 -8.87 13.01 4.15
C VAL D 87 -7.51 12.70 3.51
N TYR D 88 -6.60 13.69 3.40
CA TYR D 88 -5.24 13.43 2.93
C TYR D 88 -4.48 12.53 3.93
N ALA D 89 -4.72 12.73 5.23
CA ALA D 89 -4.14 11.91 6.27
C ALA D 89 -4.55 10.45 6.11
N LEU D 90 -5.82 10.19 5.89
CA LEU D 90 -6.29 8.85 5.64
C LEU D 90 -5.74 8.30 4.34
N LYS D 91 -5.65 9.11 3.28
CA LYS D 91 -5.34 8.62 1.95
C LYS D 91 -3.95 7.99 1.87
N ARG D 92 -2.99 8.49 2.69
CA ARG D 92 -1.62 7.99 2.67
C ARG D 92 -1.41 6.68 3.41
N GLN D 93 -2.35 6.29 4.28
CA GLN D 93 -2.25 5.05 5.05
C GLN D 93 -2.98 3.86 4.39
N GLY D 94 -3.41 4.00 3.12
CA GLY D 94 -4.16 2.95 2.43
C GLY D 94 -5.64 2.89 2.85
N ARG D 95 -6.14 3.93 3.55
CA ARG D 95 -7.48 3.91 4.10
C ARG D 95 -8.35 5.02 3.48
N THR D 96 -8.39 5.12 2.14
CA THR D 96 -9.03 6.25 1.47
C THR D 96 -10.52 6.36 1.83
N LEU D 97 -11.03 7.59 2.08
CA LEU D 97 -12.44 7.79 2.35
C LEU D 97 -13.10 8.59 1.25
N TYR D 98 -14.16 8.04 0.62
CA TYR D 98 -14.97 8.80 -0.33
C TYR D 98 -16.15 9.41 0.42
N GLY D 99 -16.39 10.71 0.24
CA GLY D 99 -17.58 11.33 0.80
C GLY D 99 -17.36 12.78 1.17
N PHE D 100 -16.08 13.17 1.42
CA PHE D 100 -15.76 14.52 1.84
C PHE D 100 -14.84 15.27 0.85
N GLY D 101 -14.65 14.72 -0.37
CA GLY D 101 -13.85 15.34 -1.41
C GLY D 101 -12.40 14.83 -1.41
N GLY D 102 -11.68 14.96 -2.54
CA GLY D 102 -10.29 14.52 -2.65
C GLY D 102 -10.07 13.02 -2.84
N LYS E 15 39.23 29.06 -7.79
CA LYS E 15 39.04 27.72 -7.17
C LYS E 15 37.56 27.54 -6.78
N ALA E 16 36.90 26.56 -7.41
CA ALA E 16 35.55 26.13 -7.04
C ALA E 16 35.57 25.37 -5.71
N VAL E 17 34.59 25.70 -4.85
CA VAL E 17 34.22 24.96 -3.63
C VAL E 17 33.28 23.82 -4.02
N SER E 18 32.71 23.09 -3.04
CA SER E 18 31.56 22.22 -3.32
C SER E 18 30.48 22.40 -2.26
N ARG E 19 29.19 22.34 -2.66
CA ARG E 19 28.13 22.73 -1.75
C ARG E 19 27.96 21.73 -0.60
N SER E 20 28.37 20.47 -0.85
CA SER E 20 28.52 19.47 0.21
C SER E 20 29.35 19.98 1.39
N GLN E 21 30.47 20.68 1.15
CA GLN E 21 31.34 21.18 2.20
C GLN E 21 30.71 22.33 2.99
N ARG E 22 29.88 23.15 2.34
CA ARG E 22 29.22 24.26 3.03
C ARG E 22 28.08 23.78 3.96
N ALA E 23 27.44 22.67 3.60
CA ALA E 23 26.48 22.03 4.48
C ALA E 23 27.18 21.20 5.57
N GLY E 24 28.35 20.64 5.24
CA GLY E 24 29.09 19.77 6.15
C GLY E 24 28.73 18.29 5.96
N LEU E 25 28.42 17.89 4.71
CA LEU E 25 27.84 16.59 4.38
C LEU E 25 28.76 15.81 3.47
N GLN E 26 28.72 14.47 3.57
CA GLN E 26 29.49 13.60 2.70
C GLN E 26 28.77 13.34 1.37
N PHE E 27 27.43 13.40 1.39
CA PHE E 27 26.62 13.04 0.24
C PHE E 27 26.54 14.19 -0.76
N PRO E 28 26.19 13.88 -2.03
CA PRO E 28 26.28 14.87 -3.11
C PRO E 28 25.10 15.85 -3.14
N VAL E 29 25.25 17.03 -2.55
CA VAL E 29 24.19 18.01 -2.51
C VAL E 29 23.85 18.54 -3.90
N GLY E 30 24.70 18.43 -4.91
CA GLY E 30 24.31 18.99 -6.20
C GLY E 30 23.87 17.95 -7.24
N ARG E 31 24.05 16.66 -6.92
CA ARG E 31 23.51 15.59 -7.74
C ARG E 31 22.06 15.42 -7.32
N ILE E 32 21.78 15.50 -6.02
CA ILE E 32 20.44 15.87 -5.59
C ILE E 32 20.25 17.32 -5.99
N HIS E 33 19.06 17.92 -5.88
CA HIS E 33 18.84 19.13 -6.69
C HIS E 33 18.62 18.81 -8.17
N ARG E 34 19.60 18.36 -8.90
CA ARG E 34 19.40 17.92 -10.26
C ARG E 34 18.43 16.74 -10.33
N HIS E 35 18.42 15.82 -9.36
CA HIS E 35 17.45 14.75 -9.28
C HIS E 35 16.07 15.29 -8.95
N LEU E 36 15.97 16.15 -7.96
CA LEU E 36 14.67 16.72 -7.60
C LEU E 36 14.05 17.55 -8.72
N LYS E 37 14.87 18.27 -9.47
CA LYS E 37 14.47 19.07 -10.60
C LYS E 37 13.90 18.23 -11.73
N SER E 38 13.90 16.88 -11.60
CA SER E 38 13.29 15.98 -12.57
C SER E 38 12.03 15.30 -12.01
N ARG E 39 11.55 15.74 -10.83
CA ARG E 39 10.36 15.21 -10.16
C ARG E 39 9.54 16.37 -9.57
N THR E 40 9.02 17.28 -10.42
CA THR E 40 8.78 18.65 -9.98
C THR E 40 7.57 19.35 -10.60
N THR E 41 6.53 18.63 -11.05
CA THR E 41 5.36 19.24 -11.71
C THR E 41 5.82 19.93 -13.00
N SER E 42 5.89 21.29 -13.01
CA SER E 42 6.43 22.10 -14.10
C SER E 42 7.23 23.30 -13.55
N HIS E 43 7.79 23.19 -12.32
CA HIS E 43 8.24 24.32 -11.50
C HIS E 43 9.53 24.05 -10.70
N GLY E 44 10.11 25.05 -10.02
CA GLY E 44 11.50 24.93 -9.58
C GLY E 44 11.68 24.45 -8.13
N ARG E 45 12.94 24.34 -7.66
CA ARG E 45 13.29 23.82 -6.33
C ARG E 45 14.39 24.63 -5.66
N VAL E 46 14.06 25.17 -4.52
CA VAL E 46 14.93 26.01 -3.71
C VAL E 46 16.25 25.30 -3.42
N GLY E 47 17.35 26.06 -3.45
CA GLY E 47 18.66 25.55 -3.12
C GLY E 47 18.74 25.02 -1.70
N ALA E 48 18.09 25.68 -0.71
CA ALA E 48 18.07 25.20 0.67
C ALA E 48 17.23 23.93 0.81
N THR E 49 16.67 23.35 -0.24
CA THR E 49 16.06 22.03 -0.10
C THR E 49 17.12 20.95 -0.18
N ALA E 50 18.07 21.02 -1.07
CA ALA E 50 19.07 19.99 -1.19
C ALA E 50 19.87 19.83 0.15
N ALA E 51 20.12 20.89 0.89
CA ALA E 51 20.77 20.75 2.17
C ALA E 51 19.83 20.32 3.31
N VAL E 52 18.50 20.07 3.16
CA VAL E 52 17.69 19.38 4.19
C VAL E 52 17.04 18.14 3.60
N TYR E 53 17.15 17.95 2.30
CA TYR E 53 16.96 16.66 1.63
C TYR E 53 18.12 15.73 2.01
N SER E 54 19.32 16.10 1.61
CA SER E 54 20.48 15.42 2.10
C SER E 54 20.63 15.77 3.57
N ALA E 55 21.36 14.96 4.33
CA ALA E 55 21.26 14.97 5.79
C ALA E 55 19.85 14.65 6.30
N ALA E 56 18.95 14.15 5.44
CA ALA E 56 17.82 13.32 5.86
C ALA E 56 17.71 12.22 4.82
N ILE E 57 18.91 11.82 4.28
CA ILE E 57 19.15 10.55 3.58
C ILE E 57 20.49 9.97 4.08
N LEU E 58 21.55 10.77 4.10
CA LEU E 58 22.54 10.58 5.15
C LEU E 58 21.83 10.90 6.50
N GLU E 59 22.21 10.20 7.57
CA GLU E 59 21.42 10.10 8.81
C GLU E 59 20.47 8.89 8.77
N TYR E 60 20.02 8.38 7.63
CA TYR E 60 19.55 7.01 7.65
C TYR E 60 20.78 6.12 7.52
N LEU E 61 21.69 6.39 6.58
CA LEU E 61 22.99 5.79 6.77
C LEU E 61 23.63 6.45 8.02
N THR E 62 24.33 5.63 8.83
CA THR E 62 24.61 5.91 10.24
C THR E 62 23.34 5.78 11.08
N ALA E 63 22.36 5.02 10.59
CA ALA E 63 21.45 4.27 11.44
C ALA E 63 21.33 2.87 10.81
N GLU E 64 21.29 2.74 9.49
CA GLU E 64 21.27 1.44 8.80
C GLU E 64 22.64 0.75 8.91
N VAL E 65 23.68 1.34 8.33
CA VAL E 65 25.04 1.16 8.79
C VAL E 65 25.14 1.94 10.11
N LEU E 66 26.13 1.61 10.98
CA LEU E 66 26.11 2.04 12.40
C LEU E 66 25.45 0.96 13.24
N GLU E 67 24.16 0.63 13.10
CA GLU E 67 23.56 -0.37 13.99
C GLU E 67 24.14 -1.76 13.74
N LEU E 68 24.84 -1.95 12.61
CA LEU E 68 25.76 -3.09 12.37
C LEU E 68 27.00 -3.21 13.31
N ALA E 69 27.27 -2.24 14.17
CA ALA E 69 28.12 -2.42 15.34
C ALA E 69 27.62 -3.60 16.15
N GLY E 70 26.29 -3.65 16.30
CA GLY E 70 25.63 -4.70 17.06
C GLY E 70 25.65 -6.06 16.35
N ASN E 71 26.31 -6.18 15.18
CA ASN E 71 26.24 -7.39 14.38
C ASN E 71 27.58 -7.80 13.80
N ALA E 72 28.13 -7.06 12.85
CA ALA E 72 29.34 -7.52 12.16
C ALA E 72 30.48 -7.78 13.16
N SER E 73 30.75 -6.78 14.02
CA SER E 73 31.79 -6.86 15.02
C SER E 73 31.53 -7.99 16.02
N LYS E 74 30.27 -8.20 16.41
CA LYS E 74 29.90 -9.28 17.33
C LYS E 74 30.15 -10.69 16.77
N ASP E 75 30.22 -10.87 15.44
CA ASP E 75 30.52 -12.16 14.83
C ASP E 75 32.01 -12.34 14.49
N LEU E 76 32.86 -11.37 14.89
CA LEU E 76 34.30 -11.40 14.67
C LEU E 76 34.68 -11.42 13.17
N LYS E 77 33.76 -10.98 12.27
CA LYS E 77 33.96 -11.00 10.83
C LYS E 77 33.98 -9.57 10.27
N VAL E 78 34.92 -9.26 9.37
CA VAL E 78 34.97 -7.93 8.73
C VAL E 78 34.28 -8.02 7.34
N LYS E 79 33.93 -6.86 6.77
CA LYS E 79 33.12 -6.71 5.57
C LYS E 79 31.66 -7.06 5.84
N ARG E 80 30.79 -6.02 5.99
CA ARG E 80 29.32 -6.08 5.97
C ARG E 80 28.84 -6.83 4.70
N ILE E 81 27.91 -7.79 4.93
CA ILE E 81 27.35 -8.62 3.89
C ILE E 81 25.86 -8.79 4.15
N THR E 82 25.13 -9.14 3.10
CA THR E 82 23.68 -9.14 3.13
C THR E 82 23.04 -10.01 4.22
N PRO E 83 23.63 -11.09 4.87
CA PRO E 83 22.98 -11.72 6.03
C PRO E 83 22.92 -10.82 7.25
N ARG E 84 23.63 -9.70 7.22
CA ARG E 84 23.44 -8.56 8.11
C ARG E 84 22.64 -7.48 7.35
N HIS E 85 22.40 -6.29 7.93
CA HIS E 85 21.28 -5.44 7.55
C HIS E 85 20.01 -6.21 7.88
N LEU E 86 19.64 -7.32 7.21
CA LEU E 86 18.70 -8.26 7.80
C LEU E 86 19.37 -8.76 9.07
N GLN E 87 18.66 -9.34 10.02
CA GLN E 87 19.29 -9.65 11.31
C GLN E 87 19.74 -8.37 12.02
N LEU E 88 19.22 -7.19 11.56
CA LEU E 88 19.32 -5.90 12.23
C LEU E 88 18.16 -4.95 11.90
N ALA E 89 17.99 -4.57 10.62
CA ALA E 89 16.94 -3.67 10.12
C ALA E 89 15.57 -4.25 10.50
N ILE E 90 15.50 -5.58 10.68
CA ILE E 90 14.32 -6.29 11.15
C ILE E 90 14.67 -6.90 12.52
N ARG E 91 15.08 -6.00 13.44
CA ARG E 91 15.34 -6.28 14.85
C ARG E 91 15.25 -5.00 15.70
N GLY E 92 15.94 -3.92 15.28
CA GLY E 92 15.68 -2.58 15.80
C GLY E 92 14.32 -2.10 15.29
N ASP E 93 13.57 -1.31 16.09
CA ASP E 93 12.14 -1.15 15.81
C ASP E 93 11.60 0.29 15.88
N GLU E 94 12.48 1.31 16.00
CA GLU E 94 12.16 2.63 15.47
C GLU E 94 12.13 2.56 13.94
N GLU E 95 13.12 1.86 13.38
CA GLU E 95 13.15 1.46 11.99
C GLU E 95 12.19 0.29 11.82
N LEU E 96 12.53 -0.62 10.90
CA LEU E 96 11.59 -1.63 10.45
C LEU E 96 10.42 -0.97 9.72
N ASP E 97 9.65 -0.06 10.36
CA ASP E 97 8.55 0.67 9.73
C ASP E 97 8.97 1.33 8.42
N SER E 98 10.22 1.88 8.34
CA SER E 98 10.70 2.50 7.11
C SER E 98 10.90 1.46 6.01
N LEU E 99 11.18 0.19 6.36
CA LEU E 99 11.65 -0.77 5.35
C LEU E 99 10.77 -2.03 5.20
N ILE E 100 9.61 -2.07 5.92
CA ILE E 100 8.64 -3.16 5.83
C ILE E 100 8.38 -3.51 4.38
N LYS E 101 8.33 -2.47 3.54
CA LYS E 101 7.98 -2.59 2.13
C LYS E 101 9.08 -3.29 1.34
N ALA E 102 10.13 -3.80 2.01
CA ALA E 102 11.29 -4.35 1.30
C ALA E 102 11.85 -5.62 1.93
N THR E 103 12.01 -6.65 1.06
CA THR E 103 12.81 -7.85 1.31
C THR E 103 14.26 -7.53 1.00
N ILE E 104 15.17 -8.25 1.65
CA ILE E 104 16.59 -8.04 1.44
C ILE E 104 17.10 -9.25 0.69
N ALA E 105 17.67 -9.10 -0.48
CA ALA E 105 18.05 -10.30 -1.22
C ALA E 105 19.22 -10.97 -0.51
N GLY E 106 19.17 -12.32 -0.43
CA GLY E 106 20.22 -13.09 0.21
C GLY E 106 20.35 -12.77 1.70
N GLY E 107 19.22 -12.47 2.34
CA GLY E 107 19.27 -12.03 3.71
C GLY E 107 18.66 -13.03 4.70
N GLY E 108 17.93 -14.06 4.25
CA GLY E 108 17.39 -15.05 5.20
C GLY E 108 16.35 -14.48 6.18
N VAL E 109 16.34 -14.92 7.46
CA VAL E 109 15.39 -14.44 8.47
C VAL E 109 15.99 -14.58 9.87
N ILE E 110 15.48 -13.83 10.88
CA ILE E 110 15.94 -14.03 12.24
C ILE E 110 15.39 -15.32 12.84
N PRO E 111 16.18 -16.13 13.62
CA PRO E 111 15.67 -17.29 14.33
C PRO E 111 14.57 -17.00 15.34
N HIS E 112 13.65 -17.99 15.50
CA HIS E 112 12.58 -17.89 16.49
C HIS E 112 12.27 -19.24 17.17
N ILE E 113 11.36 -20.03 16.57
CA ILE E 113 10.70 -21.16 17.23
C ILE E 113 9.73 -20.70 18.33
N HIS E 114 8.44 -20.99 18.12
CA HIS E 114 7.41 -20.55 19.04
C HIS E 114 7.37 -21.49 20.25
N LYS E 115 6.97 -20.95 21.42
CA LYS E 115 7.15 -21.59 22.73
C LYS E 115 6.32 -22.88 22.91
N SER E 116 5.35 -23.14 22.03
CA SER E 116 4.54 -24.35 22.06
C SER E 116 5.09 -25.48 21.18
N LEU E 117 6.05 -25.19 20.30
CA LEU E 117 6.62 -26.23 19.43
C LEU E 117 7.82 -26.92 20.07
N ILE E 118 8.62 -26.17 20.85
CA ILE E 118 9.73 -26.71 21.63
C ILE E 118 9.21 -27.67 22.71
N GLY E 119 10.00 -28.73 23.01
CA GLY E 119 9.59 -29.79 23.91
C GLY E 119 9.31 -29.29 25.34
N LYS E 120 8.26 -29.85 25.95
CA LYS E 120 7.79 -29.48 27.28
C LYS E 120 8.03 -30.63 28.28
N SER F 32 29.16 4.01 -22.34
CA SER F 32 28.01 4.45 -21.51
C SER F 32 28.34 4.30 -20.02
N ARG F 33 27.63 5.06 -19.15
CA ARG F 33 27.99 5.15 -17.73
C ARG F 33 26.77 5.43 -16.85
N LYS F 34 26.81 4.90 -15.61
CA LYS F 34 25.69 4.97 -14.67
C LYS F 34 26.09 5.65 -13.37
N GLU F 35 25.15 6.41 -12.80
CA GLU F 35 25.31 7.12 -11.53
C GLU F 35 24.64 6.33 -10.41
N SER F 36 25.39 6.16 -9.31
CA SER F 36 24.96 5.42 -8.12
C SER F 36 25.52 6.10 -6.87
N TYR F 37 25.00 5.75 -5.70
CA TYR F 37 25.50 6.33 -4.45
C TYR F 37 26.65 5.50 -3.86
N SER F 38 27.26 4.64 -4.67
CA SER F 38 28.24 3.68 -4.24
C SER F 38 29.37 4.33 -3.49
N ILE F 39 29.82 5.55 -3.82
CA ILE F 39 31.01 6.09 -3.18
C ILE F 39 30.67 6.76 -1.85
N TYR F 40 29.47 7.32 -1.76
CA TYR F 40 29.09 8.12 -0.60
C TYR F 40 28.79 7.19 0.58
N VAL F 41 28.23 6.01 0.33
CA VAL F 41 27.94 5.11 1.44
C VAL F 41 29.25 4.59 2.00
N TYR F 42 30.26 4.35 1.19
CA TYR F 42 31.56 3.90 1.67
C TYR F 42 32.24 5.01 2.48
N LYS F 43 32.15 6.22 1.97
CA LYS F 43 32.69 7.38 2.65
C LYS F 43 32.01 7.62 4.01
N VAL F 44 30.71 7.28 4.16
CA VAL F 44 30.03 7.36 5.43
C VAL F 44 30.40 6.17 6.31
N LEU F 45 30.53 4.97 5.72
CA LEU F 45 30.95 3.79 6.48
C LEU F 45 32.28 4.04 7.19
N LYS F 46 33.28 4.56 6.46
CA LYS F 46 34.57 4.90 7.04
C LYS F 46 34.53 6.06 8.05
N GLN F 47 33.39 6.78 8.17
CA GLN F 47 33.22 7.78 9.21
C GLN F 47 32.80 7.14 10.54
N VAL F 48 32.19 5.95 10.50
CA VAL F 48 31.48 5.42 11.66
C VAL F 48 32.00 4.05 12.14
N HIS F 49 32.69 3.31 11.25
CA HIS F 49 33.41 2.08 11.59
C HIS F 49 34.74 2.01 10.85
N PRO F 50 35.78 2.74 11.31
CA PRO F 50 37.02 2.88 10.55
C PRO F 50 37.73 1.61 10.06
N ASP F 51 37.62 0.53 10.82
CA ASP F 51 38.30 -0.72 10.49
C ASP F 51 37.55 -1.58 9.46
N THR F 52 36.27 -1.23 9.20
CA THR F 52 35.33 -2.12 8.52
C THR F 52 35.22 -1.83 7.02
N GLY F 53 34.61 -2.76 6.26
CA GLY F 53 34.27 -2.53 4.85
C GLY F 53 32.90 -3.15 4.52
N ILE F 54 32.57 -3.32 3.24
CA ILE F 54 31.22 -3.72 2.86
C ILE F 54 31.23 -4.47 1.53
N SER F 55 30.61 -5.64 1.48
CA SER F 55 30.58 -6.49 0.30
C SER F 55 29.90 -5.86 -0.92
N SER F 56 30.30 -6.31 -2.13
CA SER F 56 29.68 -5.89 -3.38
C SER F 56 28.23 -6.34 -3.50
N LYS F 57 27.85 -7.42 -2.80
CA LYS F 57 26.47 -7.84 -2.70
C LYS F 57 25.67 -6.91 -1.80
N ALA F 58 26.31 -6.31 -0.78
CA ALA F 58 25.68 -5.44 0.19
C ALA F 58 25.57 -4.03 -0.31
N MET F 59 26.50 -3.59 -1.17
CA MET F 59 26.38 -2.29 -1.82
C MET F 59 25.11 -2.19 -2.65
N GLY F 60 24.76 -3.24 -3.38
CA GLY F 60 23.51 -3.26 -4.13
C GLY F 60 22.30 -2.91 -3.26
N ILE F 61 22.28 -3.43 -2.05
CA ILE F 61 21.20 -3.16 -1.14
C ILE F 61 21.27 -1.70 -0.71
N MET F 62 22.41 -1.23 -0.22
CA MET F 62 22.46 0.11 0.33
C MET F 62 22.07 1.14 -0.74
N ASN F 63 22.63 1.01 -1.94
CA ASN F 63 22.32 1.88 -3.05
C ASN F 63 20.80 1.88 -3.29
N SER F 64 20.15 0.72 -3.19
CA SER F 64 18.70 0.57 -3.37
C SER F 64 17.85 1.16 -2.26
N PHE F 65 18.28 1.00 -1.02
CA PHE F 65 17.62 1.64 0.11
C PHE F 65 17.68 3.17 -0.04
N VAL F 66 18.83 3.70 -0.45
CA VAL F 66 19.01 5.12 -0.64
C VAL F 66 18.11 5.61 -1.77
N ASN F 67 18.06 4.91 -2.90
CA ASN F 67 17.14 5.29 -3.96
C ASN F 67 15.69 5.30 -3.47
N ASP F 68 15.27 4.25 -2.75
CA ASP F 68 13.88 4.09 -2.33
C ASP F 68 13.43 5.22 -1.42
N ILE F 69 14.20 5.55 -0.39
CA ILE F 69 13.87 6.64 0.51
C ILE F 69 13.92 7.97 -0.24
N PHE F 70 14.83 8.13 -1.21
CA PHE F 70 14.84 9.35 -1.98
C PHE F 70 13.54 9.49 -2.75
N GLU F 71 13.15 8.45 -3.48
CA GLU F 71 11.96 8.55 -4.33
C GLU F 71 10.69 8.74 -3.50
N ARG F 72 10.58 8.16 -2.30
CA ARG F 72 9.48 8.45 -1.40
C ARG F 72 9.45 9.91 -0.98
N ILE F 73 10.56 10.49 -0.53
CA ILE F 73 10.56 11.89 -0.12
C ILE F 73 10.26 12.82 -1.29
N ALA F 74 10.97 12.69 -2.38
CA ALA F 74 10.75 13.54 -3.53
C ALA F 74 9.37 13.37 -4.14
N GLY F 75 8.89 12.16 -4.29
CA GLY F 75 7.58 11.90 -4.88
C GLY F 75 6.43 12.40 -4.00
N GLU F 76 6.59 12.37 -2.68
CA GLU F 76 5.57 12.80 -1.73
C GLU F 76 5.62 14.30 -1.53
N ALA F 77 6.79 14.90 -1.57
CA ALA F 77 6.94 16.34 -1.53
C ALA F 77 6.19 17.10 -2.63
N SER F 78 6.03 16.53 -3.82
CA SER F 78 5.24 17.12 -4.87
C SER F 78 3.78 17.37 -4.43
N ARG F 79 3.25 16.54 -3.52
CA ARG F 79 1.84 16.58 -3.19
C ARG F 79 1.56 17.71 -2.24
N LEU F 80 2.45 18.04 -1.30
CA LEU F 80 2.24 19.20 -0.46
C LEU F 80 2.24 20.50 -1.27
N ALA F 81 2.98 20.53 -2.38
CA ALA F 81 2.95 21.65 -3.30
C ALA F 81 1.58 21.73 -4.01
N HIS F 82 0.99 20.61 -4.43
CA HIS F 82 -0.37 20.63 -4.98
C HIS F 82 -1.44 21.04 -3.97
N TYR F 83 -1.41 20.48 -2.77
CA TYR F 83 -2.45 20.69 -1.77
C TYR F 83 -2.51 22.15 -1.35
N ASN F 84 -1.37 22.84 -1.31
CA ASN F 84 -1.35 24.25 -0.96
C ASN F 84 -1.38 25.18 -2.19
N LYS F 85 -1.31 24.60 -3.39
CA LYS F 85 -1.16 25.33 -4.66
C LYS F 85 -0.01 26.35 -4.55
N ARG F 86 1.17 25.79 -4.29
CA ARG F 86 2.46 26.44 -4.40
C ARG F 86 3.23 25.82 -5.59
N SER F 87 4.12 26.60 -6.19
CA SER F 87 4.89 26.17 -7.34
C SER F 87 6.12 25.40 -6.86
N THR F 88 6.84 25.94 -5.84
CA THR F 88 8.25 25.60 -5.64
C THR F 88 8.45 24.73 -4.41
N ILE F 89 9.25 23.66 -4.61
CA ILE F 89 9.68 22.77 -3.54
C ILE F 89 10.75 23.48 -2.72
N THR F 90 10.68 23.42 -1.38
CA THR F 90 11.36 24.34 -0.46
C THR F 90 11.80 23.54 0.77
N SER F 91 12.80 23.99 1.52
CA SER F 91 13.15 23.33 2.74
C SER F 91 11.93 23.04 3.63
N ARG F 92 11.09 24.02 4.02
CA ARG F 92 10.01 23.80 4.98
C ARG F 92 9.00 22.76 4.49
N GLU F 93 8.98 22.59 3.17
CA GLU F 93 8.16 21.54 2.61
C GLU F 93 8.86 20.19 2.87
N ILE F 94 10.14 20.00 2.52
CA ILE F 94 10.82 18.74 2.71
C ILE F 94 10.75 18.36 4.17
N GLN F 95 10.93 19.32 5.09
CA GLN F 95 10.86 19.06 6.52
C GLN F 95 9.54 18.40 6.86
N THR F 96 8.47 18.74 6.17
CA THR F 96 7.18 18.14 6.50
C THR F 96 7.05 16.74 5.89
N ALA F 97 7.55 16.51 4.69
CA ALA F 97 7.72 15.15 4.16
C ALA F 97 8.50 14.16 5.06
N VAL F 98 9.59 14.58 5.70
CA VAL F 98 10.31 13.75 6.65
C VAL F 98 9.78 13.96 8.07
N ARG F 99 8.50 14.40 8.24
CA ARG F 99 7.79 13.96 9.41
C ARG F 99 6.46 13.26 9.09
N LEU F 100 6.16 13.06 7.83
CA LEU F 100 5.13 12.10 7.46
C LEU F 100 5.78 10.74 7.26
N LEU F 101 6.88 10.65 6.51
CA LEU F 101 7.43 9.36 6.08
C LEU F 101 8.26 8.65 7.14
N LEU F 102 8.69 9.35 8.22
CA LEU F 102 9.52 8.77 9.27
C LEU F 102 8.72 8.54 10.54
N PRO F 103 8.88 7.35 11.18
CA PRO F 103 8.21 7.07 12.45
C PRO F 103 8.92 7.62 13.67
N GLY F 104 8.16 7.84 14.75
CA GLY F 104 8.66 7.87 16.11
C GLY F 104 9.84 8.82 16.34
N GLU F 105 10.89 8.33 17.03
CA GLU F 105 12.07 9.12 17.37
C GLU F 105 12.99 9.29 16.17
N LEU F 106 12.88 8.41 15.16
CA LEU F 106 13.73 8.52 13.99
C LEU F 106 13.50 9.88 13.31
N ALA F 107 12.23 10.30 13.24
CA ALA F 107 11.86 11.60 12.69
C ALA F 107 12.47 12.74 13.49
N LYS F 108 12.43 12.67 14.80
CA LYS F 108 12.88 13.77 15.63
C LYS F 108 14.38 13.98 15.46
N HIS F 109 15.15 12.95 15.09
CA HIS F 109 16.59 13.07 14.84
C HIS F 109 16.88 13.59 13.44
N ALA F 110 16.26 13.02 12.41
CA ALA F 110 16.43 13.50 11.04
C ALA F 110 16.09 14.97 10.91
N VAL F 111 14.99 15.42 11.54
CA VAL F 111 14.58 16.81 11.51
C VAL F 111 15.59 17.73 12.16
N SER F 112 16.27 17.26 13.19
CA SER F 112 17.32 18.03 13.82
C SER F 112 18.51 18.08 12.87
N GLU F 113 18.94 16.93 12.38
CA GLU F 113 20.16 16.82 11.60
C GLU F 113 20.11 17.69 10.34
N GLY F 114 19.01 17.62 9.59
CA GLY F 114 18.88 18.43 8.39
C GLY F 114 18.85 19.93 8.70
N THR F 115 18.27 20.35 9.85
CA THR F 115 18.25 21.76 10.21
C THR F 115 19.67 22.29 10.41
N LYS F 116 20.57 21.47 11.00
CA LYS F 116 21.95 21.84 11.19
C LYS F 116 22.61 22.09 9.83
N ALA F 117 22.38 21.18 8.90
CA ALA F 117 22.96 21.26 7.58
C ALA F 117 22.53 22.54 6.84
N VAL F 118 21.27 22.90 6.89
CA VAL F 118 20.85 24.16 6.31
C VAL F 118 21.47 25.36 7.03
N THR F 119 21.56 25.34 8.35
CA THR F 119 22.10 26.50 9.06
C THR F 119 23.58 26.72 8.71
N LYS F 120 24.37 25.66 8.50
CA LYS F 120 25.72 25.82 8.01
C LYS F 120 25.78 26.35 6.59
N TYR F 121 24.96 25.83 5.67
CA TYR F 121 24.95 26.30 4.30
C TYR F 121 24.60 27.79 4.25
N THR F 122 23.50 28.23 4.90
CA THR F 122 23.01 29.60 4.78
C THR F 122 23.93 30.61 5.50
N SER F 123 24.83 30.13 6.38
CA SER F 123 25.85 30.98 6.99
C SER F 123 27.10 31.20 6.11
N SER F 124 27.14 30.61 4.90
CA SER F 124 28.28 30.75 3.99
C SER F 124 27.85 31.08 2.55
N LYS F 125 26.68 30.57 2.12
CA LYS F 125 26.03 30.84 0.83
C LYS F 125 26.88 30.35 -0.37
N HIS G 40 19.78 -47.45 17.92
CA HIS G 40 19.52 -46.01 18.26
C HIS G 40 18.66 -45.37 17.19
N ARG G 41 17.68 -44.58 17.67
CA ARG G 41 16.76 -43.80 16.87
C ARG G 41 16.08 -42.77 17.78
N TYR G 42 16.05 -41.52 17.31
CA TYR G 42 15.53 -40.37 18.03
C TYR G 42 14.02 -40.47 18.23
N ARG G 43 13.45 -39.54 18.96
CA ARG G 43 12.00 -39.44 19.07
C ARG G 43 11.43 -38.58 17.94
N PRO G 44 10.28 -38.94 17.27
CA PRO G 44 9.49 -38.01 16.45
C PRO G 44 9.26 -36.64 17.09
N GLY G 45 9.73 -35.60 16.39
CA GLY G 45 9.81 -34.25 16.97
C GLY G 45 11.25 -33.74 17.05
N THR G 46 12.19 -34.65 17.36
CA THR G 46 13.59 -34.28 17.61
C THR G 46 14.19 -33.68 16.35
N VAL G 47 13.92 -34.29 15.21
CA VAL G 47 14.58 -33.92 13.98
C VAL G 47 13.88 -32.71 13.35
N ALA G 48 12.58 -32.58 13.53
CA ALA G 48 11.90 -31.37 13.07
C ALA G 48 12.49 -30.13 13.75
N LEU G 49 12.72 -30.12 15.07
CA LEU G 49 13.30 -28.95 15.71
C LEU G 49 14.77 -28.81 15.33
N ARG G 50 15.46 -29.88 14.92
CA ARG G 50 16.84 -29.77 14.45
C ARG G 50 16.88 -29.02 13.11
N GLU G 51 15.91 -29.29 12.26
CA GLU G 51 15.80 -28.66 10.94
C GLU G 51 15.45 -27.18 11.04
N ILE G 52 14.56 -26.78 11.95
CA ILE G 52 14.31 -25.37 12.16
C ILE G 52 15.63 -24.63 12.43
N ARG G 53 16.41 -25.09 13.39
CA ARG G 53 17.61 -24.38 13.79
C ARG G 53 18.63 -24.37 12.65
N ARG G 54 18.44 -25.16 11.57
CA ARG G 54 19.35 -25.20 10.44
C ARG G 54 18.90 -24.21 9.38
N TYR G 55 17.69 -24.41 8.87
CA TYR G 55 17.22 -23.57 7.77
C TYR G 55 16.82 -22.17 8.24
N GLN G 56 16.74 -21.92 9.55
CA GLN G 56 16.51 -20.59 10.09
C GLN G 56 17.83 -19.87 10.38
N LYS G 57 18.99 -20.48 10.06
CA LYS G 57 20.31 -19.89 10.25
C LYS G 57 21.01 -19.63 8.91
N SER G 58 20.72 -20.45 7.88
CA SER G 58 21.23 -20.21 6.55
C SER G 58 20.38 -19.18 5.81
N THR G 59 20.93 -18.58 4.73
CA THR G 59 20.21 -17.66 3.85
C THR G 59 20.11 -18.18 2.41
N GLU G 60 20.55 -19.43 2.16
CA GLU G 60 20.63 -20.00 0.82
C GLU G 60 19.24 -20.26 0.24
N LEU G 61 19.18 -20.37 -1.10
CA LEU G 61 17.94 -20.66 -1.83
C LEU G 61 17.51 -22.13 -1.68
N LEU G 62 16.20 -22.37 -1.52
CA LEU G 62 15.65 -23.64 -1.07
C LEU G 62 15.00 -24.42 -2.22
N ILE G 63 14.48 -23.76 -3.27
CA ILE G 63 13.96 -24.47 -4.42
C ILE G 63 15.10 -24.76 -5.40
N ARG G 64 15.12 -25.92 -6.08
CA ARG G 64 16.15 -26.13 -7.11
C ARG G 64 16.06 -25.09 -8.25
N LYS G 65 17.20 -24.68 -8.85
CA LYS G 65 17.21 -23.68 -9.91
C LYS G 65 16.39 -24.12 -11.12
N LEU G 66 16.72 -25.24 -11.78
CA LEU G 66 16.15 -25.55 -13.08
C LEU G 66 14.66 -25.79 -12.95
N PRO G 67 14.16 -26.62 -12.02
CA PRO G 67 12.72 -26.76 -11.84
C PRO G 67 11.93 -25.49 -11.58
N PHE G 68 12.46 -24.47 -10.95
CA PHE G 68 11.77 -23.20 -10.87
C PHE G 68 11.91 -22.37 -12.15
N GLN G 69 13.03 -22.48 -12.84
CA GLN G 69 13.23 -21.80 -14.10
C GLN G 69 12.27 -22.36 -15.15
N ARG G 70 11.96 -23.65 -15.17
CA ARG G 70 10.95 -24.18 -16.06
C ARG G 70 9.58 -23.63 -15.73
N LEU G 71 9.24 -23.48 -14.48
CA LEU G 71 7.92 -23.02 -14.09
C LEU G 71 7.70 -21.57 -14.53
N VAL G 72 8.64 -20.64 -14.33
CA VAL G 72 8.39 -19.26 -14.72
C VAL G 72 8.31 -19.11 -16.24
N ARG G 73 9.01 -19.91 -17.03
CA ARG G 73 8.81 -19.92 -18.47
C ARG G 73 7.41 -20.39 -18.87
N GLU G 74 6.90 -21.48 -18.31
CA GLU G 74 5.57 -21.97 -18.65
C GLU G 74 4.48 -20.98 -18.25
N ILE G 75 4.58 -20.32 -17.13
CA ILE G 75 3.57 -19.33 -16.77
C ILE G 75 3.69 -18.12 -17.68
N ALA G 76 4.86 -17.80 -18.21
CA ALA G 76 5.06 -16.62 -19.05
C ALA G 76 4.52 -16.85 -20.45
N GLN G 77 4.74 -18.00 -21.07
CA GLN G 77 4.39 -18.17 -22.47
C GLN G 77 2.88 -18.22 -22.68
N ASP G 78 2.07 -18.27 -21.63
CA ASP G 78 0.63 -18.09 -21.76
C ASP G 78 0.22 -16.64 -22.02
N PHE G 79 1.11 -15.66 -21.82
CA PHE G 79 0.80 -14.26 -21.95
C PHE G 79 1.53 -13.57 -23.13
N LYS G 80 2.71 -14.04 -23.51
CA LYS G 80 3.42 -13.52 -24.67
C LYS G 80 4.33 -14.61 -25.23
N THR G 81 4.08 -15.04 -26.47
CA THR G 81 4.83 -16.17 -27.03
C THR G 81 6.26 -15.77 -27.38
N ASP G 82 7.21 -16.73 -27.28
CA ASP G 82 8.62 -16.54 -27.64
C ASP G 82 9.29 -15.38 -26.89
N LEU G 83 9.08 -15.34 -25.56
CA LEU G 83 9.91 -14.52 -24.71
C LEU G 83 11.34 -15.06 -24.61
N ARG G 84 12.20 -14.20 -24.05
CA ARG G 84 13.52 -14.54 -23.55
C ARG G 84 13.62 -13.94 -22.15
N PHE G 85 14.34 -14.61 -21.22
CA PHE G 85 14.63 -13.98 -19.94
C PHE G 85 16.12 -13.69 -19.78
N GLN G 86 16.46 -12.52 -19.23
CA GLN G 86 17.80 -12.30 -18.71
C GLN G 86 18.05 -13.24 -17.52
N SER G 87 19.29 -13.75 -17.43
CA SER G 87 19.69 -14.69 -16.40
C SER G 87 19.43 -14.20 -14.97
N SER G 88 19.40 -12.88 -14.74
CA SER G 88 19.22 -12.31 -13.41
C SER G 88 17.78 -11.93 -13.11
N ALA G 89 16.91 -11.94 -14.14
CA ALA G 89 15.50 -11.71 -13.92
C ALA G 89 14.87 -12.87 -13.14
N VAL G 90 15.18 -14.12 -13.54
CA VAL G 90 14.57 -15.26 -12.91
C VAL G 90 15.07 -15.37 -11.47
N MET G 91 16.29 -14.92 -11.17
CA MET G 91 16.75 -14.90 -9.80
C MET G 91 15.92 -13.94 -8.96
N ALA G 92 15.60 -12.77 -9.48
CA ALA G 92 14.81 -11.85 -8.71
C ALA G 92 13.37 -12.36 -8.53
N LEU G 93 12.88 -13.27 -9.40
CA LEU G 93 11.63 -13.97 -9.16
C LEU G 93 11.79 -14.92 -7.98
N GLN G 94 12.82 -15.78 -8.04
CA GLN G 94 13.03 -16.79 -7.02
C GLN G 94 13.23 -16.14 -5.64
N GLU G 95 14.10 -15.17 -5.51
CA GLU G 95 14.35 -14.54 -4.23
C GLU G 95 13.12 -13.84 -3.66
N ALA G 96 12.14 -13.49 -4.52
CA ALA G 96 10.89 -12.87 -4.09
C ALA G 96 9.84 -13.92 -3.70
N CYS G 97 9.83 -15.05 -4.44
CA CYS G 97 8.91 -16.15 -4.16
C CYS G 97 9.20 -16.83 -2.84
N GLU G 98 10.45 -17.25 -2.67
CA GLU G 98 10.84 -17.86 -1.42
C GLU G 98 10.51 -16.93 -0.23
N ALA G 99 10.77 -15.66 -0.37
CA ALA G 99 10.48 -14.73 0.70
C ALA G 99 8.98 -14.51 0.92
N TYR G 100 8.14 -14.92 -0.04
CA TYR G 100 6.69 -14.82 0.11
C TYR G 100 6.18 -16.08 0.79
N LEU G 101 6.57 -17.25 0.25
CA LEU G 101 6.20 -18.56 0.79
C LEU G 101 6.58 -18.61 2.26
N VAL G 102 7.83 -18.24 2.58
CA VAL G 102 8.31 -18.29 3.95
C VAL G 102 7.55 -17.34 4.87
N GLY G 103 7.04 -16.27 4.32
CA GLY G 103 6.23 -15.37 5.12
C GLY G 103 4.82 -15.91 5.31
N LEU G 104 4.28 -16.57 4.30
CA LEU G 104 2.96 -17.16 4.41
C LEU G 104 2.95 -18.26 5.46
N PHE G 105 3.98 -19.15 5.47
CA PHE G 105 4.07 -20.15 6.50
C PHE G 105 4.23 -19.54 7.88
N GLU G 106 5.02 -18.48 8.03
CA GLU G 106 5.23 -17.89 9.34
C GLU G 106 3.91 -17.36 9.91
N ASP G 107 3.07 -16.74 9.06
CA ASP G 107 1.73 -16.29 9.43
C ASP G 107 0.73 -17.44 9.55
N THR G 108 0.92 -18.57 8.85
CA THR G 108 0.07 -19.75 8.99
C THR G 108 0.27 -20.47 10.32
N ASN G 109 1.49 -20.67 10.74
CA ASN G 109 1.79 -21.37 11.97
C ASN G 109 1.11 -20.67 13.15
N LEU G 110 1.05 -19.35 13.17
CA LEU G 110 0.30 -18.53 14.12
C LEU G 110 -1.17 -18.95 14.25
N CYS G 111 -1.79 -19.40 13.16
CA CYS G 111 -3.16 -19.89 13.20
C CYS G 111 -3.26 -21.27 13.85
N ALA G 112 -2.40 -22.20 13.44
CA ALA G 112 -2.40 -23.54 13.99
C ALA G 112 -2.16 -23.49 15.49
N ILE G 113 -1.20 -22.68 15.94
CA ILE G 113 -0.89 -22.52 17.34
C ILE G 113 -2.09 -21.98 18.10
N HIS G 114 -2.84 -21.06 17.51
CA HIS G 114 -4.01 -20.50 18.16
C HIS G 114 -5.15 -21.51 18.30
N ALA G 115 -5.30 -22.34 17.26
CA ALA G 115 -6.27 -23.43 17.22
C ALA G 115 -5.80 -24.72 17.93
N LYS G 116 -4.97 -24.59 18.98
CA LYS G 116 -4.54 -25.67 19.87
C LYS G 116 -3.68 -26.74 19.20
N ARG G 117 -3.67 -26.86 17.87
CA ARG G 117 -2.79 -27.79 17.18
C ARG G 117 -1.31 -27.36 17.14
N VAL G 118 -0.43 -28.23 16.66
CA VAL G 118 0.91 -27.87 16.22
C VAL G 118 1.08 -28.18 14.74
N THR G 119 0.29 -29.11 14.20
CA THR G 119 0.32 -29.47 12.79
C THR G 119 -0.36 -28.38 11.95
N ILE G 120 0.26 -27.97 10.82
CA ILE G 120 -0.44 -27.13 9.84
C ILE G 120 -1.23 -27.95 8.81
N MET G 121 -2.39 -27.39 8.44
CA MET G 121 -3.35 -28.03 7.57
C MET G 121 -3.94 -26.96 6.65
N PRO G 122 -4.48 -27.33 5.47
CA PRO G 122 -4.97 -26.34 4.52
C PRO G 122 -5.87 -25.30 5.15
N LYS G 123 -6.75 -25.72 6.07
CA LYS G 123 -7.73 -24.80 6.65
C LYS G 123 -7.06 -23.63 7.36
N ASP G 124 -5.76 -23.75 7.70
CA ASP G 124 -5.00 -22.69 8.35
C ASP G 124 -4.57 -21.65 7.32
N ILE G 125 -4.07 -22.13 6.18
CA ILE G 125 -3.64 -21.21 5.15
C ILE G 125 -4.84 -20.40 4.66
N GLN G 126 -6.01 -21.02 4.46
CA GLN G 126 -7.18 -20.30 3.99
C GLN G 126 -7.59 -19.19 4.99
N LEU G 127 -7.26 -19.30 6.27
CA LEU G 127 -7.61 -18.27 7.23
C LEU G 127 -6.60 -17.14 7.10
N ALA G 128 -5.31 -17.46 7.18
CA ALA G 128 -4.28 -16.44 7.10
C ALA G 128 -4.42 -15.61 5.82
N ARG G 129 -4.63 -16.29 4.69
CA ARG G 129 -4.69 -15.64 3.39
C ARG G 129 -6.00 -14.84 3.19
N ARG G 130 -7.04 -15.07 3.97
CA ARG G 130 -8.27 -14.30 3.93
C ARG G 130 -8.11 -13.03 4.76
N ILE G 131 -7.49 -13.08 5.93
CA ILE G 131 -7.33 -11.87 6.72
C ILE G 131 -6.36 -10.87 6.06
N ARG G 132 -5.32 -11.36 5.38
CA ARG G 132 -4.45 -10.50 4.59
C ARG G 132 -5.05 -10.08 3.25
N GLY G 133 -6.28 -10.51 2.94
CA GLY G 133 -7.04 -9.99 1.80
C GLY G 133 -6.60 -10.45 0.40
N GLU G 134 -6.01 -11.64 0.25
CA GLU G 134 -5.46 -12.06 -1.04
C GLU G 134 -6.46 -12.80 -1.96
N ARG G 135 -7.42 -13.54 -1.40
CA ARG G 135 -8.09 -14.62 -2.13
C ARG G 135 -9.62 -14.55 -2.06
N ALA G 136 -10.16 -13.85 -1.04
CA ALA G 136 -11.60 -13.75 -0.82
C ALA G 136 -12.00 -12.40 -0.20
N ASP H 24 3.93 -32.44 -15.56
CA ASP H 24 3.79 -30.95 -15.64
C ASP H 24 4.79 -30.29 -14.71
N ASN H 25 5.23 -29.09 -15.10
CA ASN H 25 6.44 -28.44 -14.59
C ASN H 25 6.25 -27.96 -13.15
N ILE H 26 5.02 -27.61 -12.75
CA ILE H 26 4.69 -27.21 -11.38
C ILE H 26 4.95 -28.33 -10.36
N GLN H 27 4.85 -29.61 -10.74
CA GLN H 27 5.12 -30.70 -9.81
C GLN H 27 6.62 -30.80 -9.47
N GLY H 28 7.47 -30.06 -10.17
CA GLY H 28 8.87 -30.00 -9.80
C GLY H 28 9.13 -29.08 -8.59
N ILE H 29 8.11 -28.38 -8.05
CA ILE H 29 8.23 -27.80 -6.72
C ILE H 29 8.00 -28.90 -5.68
N THR H 30 9.06 -29.71 -5.51
CA THR H 30 9.03 -31.03 -4.89
C THR H 30 8.62 -30.94 -3.43
N LYS H 31 8.03 -32.01 -2.90
CA LYS H 31 7.62 -32.13 -1.51
C LYS H 31 8.70 -31.66 -0.52
N PRO H 32 9.97 -32.18 -0.53
CA PRO H 32 10.98 -31.69 0.41
C PRO H 32 11.33 -30.21 0.32
N ALA H 33 11.17 -29.61 -0.84
CA ALA H 33 11.39 -28.18 -0.96
C ALA H 33 10.34 -27.40 -0.15
N ILE H 34 9.08 -27.83 -0.21
CA ILE H 34 8.06 -27.20 0.56
C ILE H 34 8.41 -27.36 2.03
N ARG H 35 8.92 -28.54 2.44
CA ARG H 35 9.30 -28.75 3.83
C ARG H 35 10.42 -27.82 4.26
N ARG H 36 11.42 -27.56 3.42
CA ARG H 36 12.48 -26.63 3.78
C ARG H 36 11.89 -25.24 3.97
N LEU H 37 11.09 -24.76 3.02
CA LEU H 37 10.50 -23.42 3.10
C LEU H 37 9.73 -23.31 4.40
N ALA H 38 8.94 -24.34 4.70
CA ALA H 38 8.15 -24.38 5.90
C ALA H 38 9.07 -24.37 7.12
N ARG H 39 10.17 -25.16 7.13
CA ARG H 39 11.07 -25.25 8.29
C ARG H 39 11.69 -23.90 8.58
N ARG H 40 12.08 -23.11 7.56
CA ARG H 40 12.57 -21.76 7.80
C ARG H 40 11.48 -20.91 8.46
N GLY H 41 10.23 -21.11 8.07
CA GLY H 41 9.13 -20.39 8.66
C GLY H 41 8.77 -20.84 10.08
N GLY H 42 9.26 -22.01 10.51
CA GLY H 42 9.23 -22.36 11.93
C GLY H 42 8.18 -23.41 12.29
N VAL H 43 7.61 -24.09 11.29
CA VAL H 43 6.57 -25.09 11.57
C VAL H 43 7.15 -26.49 11.80
N LYS H 44 6.67 -27.19 12.84
CA LYS H 44 7.14 -28.53 13.17
C LYS H 44 6.57 -29.60 12.23
N ARG H 45 5.25 -29.65 12.02
CA ARG H 45 4.61 -30.86 11.51
C ARG H 45 3.57 -30.54 10.43
N ILE H 46 3.66 -31.16 9.26
CA ILE H 46 3.02 -30.68 8.05
C ILE H 46 2.02 -31.74 7.57
N SER H 47 0.72 -31.40 7.56
CA SER H 47 -0.31 -32.24 6.93
C SER H 47 -0.02 -32.52 5.45
N GLY H 48 -0.30 -33.74 5.00
CA GLY H 48 -0.02 -34.15 3.63
C GLY H 48 -0.86 -33.43 2.58
N LEU H 49 -1.86 -32.66 3.04
CA LEU H 49 -2.68 -31.83 2.17
C LEU H 49 -2.00 -30.50 1.85
N ILE H 50 -0.98 -30.09 2.59
CA ILE H 50 -0.37 -28.80 2.39
C ILE H 50 0.48 -28.74 1.15
N TYR H 51 1.01 -29.85 0.65
CA TYR H 51 1.88 -29.85 -0.54
C TYR H 51 1.14 -29.37 -1.80
N GLU H 52 0.02 -30.01 -2.14
CA GLU H 52 -0.72 -29.66 -3.35
C GLU H 52 -1.50 -28.35 -3.17
N GLU H 53 -1.71 -27.89 -1.94
CA GLU H 53 -2.37 -26.61 -1.67
C GLU H 53 -1.37 -25.47 -1.80
N THR H 54 -0.14 -25.62 -1.27
CA THR H 54 0.87 -24.56 -1.32
C THR H 54 1.26 -24.25 -2.77
N ARG H 55 1.38 -25.29 -3.61
CA ARG H 55 1.63 -25.08 -5.01
C ARG H 55 0.62 -24.10 -5.62
N GLY H 56 -0.62 -24.10 -5.12
CA GLY H 56 -1.67 -23.21 -5.58
C GLY H 56 -1.33 -21.74 -5.34
N VAL H 57 -0.76 -21.45 -4.16
CA VAL H 57 -0.46 -20.07 -3.81
C VAL H 57 0.81 -19.59 -4.51
N LEU H 58 1.80 -20.45 -4.69
CA LEU H 58 2.97 -20.09 -5.48
C LEU H 58 2.57 -19.85 -6.96
N LYS H 59 1.76 -20.73 -7.54
CA LYS H 59 1.36 -20.61 -8.93
C LYS H 59 0.59 -19.33 -9.16
N VAL H 60 -0.32 -18.92 -8.25
CA VAL H 60 -1.02 -17.65 -8.42
C VAL H 60 -0.12 -16.44 -8.20
N PHE H 61 0.81 -16.48 -7.24
CA PHE H 61 1.71 -15.37 -7.00
C PHE H 61 2.61 -15.10 -8.22
N LEU H 62 3.18 -16.14 -8.84
CA LEU H 62 3.97 -15.98 -10.02
C LEU H 62 3.12 -15.44 -11.16
N GLU H 63 1.87 -15.90 -11.25
CA GLU H 63 1.00 -15.40 -12.30
C GLU H 63 0.82 -13.90 -12.18
N ASN H 64 0.57 -13.40 -10.98
CA ASN H 64 0.32 -11.98 -10.80
C ASN H 64 1.55 -11.06 -10.99
N VAL H 65 2.80 -11.50 -10.77
CA VAL H 65 3.93 -10.61 -11.04
C VAL H 65 4.41 -10.81 -12.48
N ILE H 66 4.26 -11.97 -13.11
CA ILE H 66 4.70 -12.09 -14.48
C ILE H 66 3.76 -11.30 -15.41
N ARG H 67 2.45 -11.21 -15.17
CA ARG H 67 1.62 -10.30 -15.95
C ARG H 67 2.15 -8.89 -16.04
N ASP H 68 2.60 -8.35 -14.92
CA ASP H 68 3.12 -6.99 -14.85
C ASP H 68 4.49 -6.90 -15.48
N ALA H 69 5.37 -7.86 -15.24
CA ALA H 69 6.69 -7.86 -15.84
C ALA H 69 6.62 -7.94 -17.36
N VAL H 70 5.75 -8.77 -17.89
CA VAL H 70 5.62 -8.77 -19.33
C VAL H 70 4.90 -7.51 -19.83
N THR H 71 4.03 -6.87 -19.04
CA THR H 71 3.46 -5.57 -19.41
C THR H 71 4.53 -4.48 -19.54
N TYR H 72 5.40 -4.29 -18.54
CA TYR H 72 6.48 -3.34 -18.66
C TYR H 72 7.43 -3.69 -19.81
N THR H 73 7.58 -4.99 -20.15
CA THR H 73 8.36 -5.37 -21.31
C THR H 73 7.68 -4.91 -22.59
N GLU H 74 6.41 -5.27 -22.81
CA GLU H 74 5.71 -4.95 -24.04
C GLU H 74 5.61 -3.45 -24.26
N HIS H 75 5.61 -2.68 -23.19
CA HIS H 75 5.57 -1.23 -23.29
C HIS H 75 6.78 -0.68 -24.04
N ALA H 76 7.96 -1.20 -23.69
CA ALA H 76 9.21 -0.67 -24.22
C ALA H 76 9.65 -1.35 -25.53
N LYS H 77 8.80 -2.17 -26.12
CA LYS H 77 9.01 -2.83 -27.39
C LYS H 77 10.07 -3.93 -27.35
N ARG H 78 11.00 -3.93 -26.39
CA ARG H 78 11.94 -5.05 -26.29
C ARG H 78 11.18 -6.33 -25.95
N LYS H 79 11.82 -7.50 -26.21
CA LYS H 79 11.19 -8.79 -25.98
C LYS H 79 12.02 -9.78 -25.15
N THR H 80 12.83 -9.27 -24.22
CA THR H 80 13.38 -10.07 -23.13
C THR H 80 13.00 -9.40 -21.81
N VAL H 81 12.50 -10.20 -20.86
CA VAL H 81 12.22 -9.67 -19.52
C VAL H 81 13.52 -9.42 -18.74
N THR H 82 13.78 -8.19 -18.30
CA THR H 82 14.97 -7.86 -17.54
C THR H 82 14.75 -7.99 -16.03
N ALA H 83 15.83 -7.91 -15.26
CA ALA H 83 15.71 -7.86 -13.81
C ALA H 83 14.97 -6.59 -13.39
N MET H 84 15.12 -5.51 -14.11
CA MET H 84 14.42 -4.30 -13.71
C MET H 84 12.92 -4.46 -13.89
N ASP H 85 12.48 -5.21 -14.92
CA ASP H 85 11.07 -5.43 -15.15
C ASP H 85 10.40 -6.14 -13.98
N VAL H 86 11.00 -7.24 -13.54
CA VAL H 86 10.48 -7.95 -12.38
C VAL H 86 10.65 -7.16 -11.11
N VAL H 87 11.64 -6.28 -10.99
CA VAL H 87 11.71 -5.36 -9.88
C VAL H 87 10.55 -4.37 -9.86
N TYR H 88 10.21 -3.82 -11.04
CA TYR H 88 9.15 -2.83 -11.10
C TYR H 88 7.80 -3.49 -10.88
N ALA H 89 7.61 -4.70 -11.43
CA ALA H 89 6.39 -5.46 -11.17
C ALA H 89 6.19 -5.74 -9.68
N LEU H 90 7.23 -6.18 -8.99
CA LEU H 90 7.17 -6.44 -7.56
C LEU H 90 6.95 -5.15 -6.78
N LYS H 91 7.57 -4.04 -7.19
CA LYS H 91 7.42 -2.76 -6.53
C LYS H 91 5.97 -2.29 -6.59
N ARG H 92 5.30 -2.53 -7.74
CA ARG H 92 3.93 -2.09 -7.96
C ARG H 92 2.95 -2.71 -6.96
N GLN H 93 3.16 -3.99 -6.66
CA GLN H 93 2.27 -4.78 -5.81
C GLN H 93 2.60 -4.74 -4.31
N GLY H 94 3.50 -3.85 -3.89
CA GLY H 94 3.81 -3.67 -2.47
C GLY H 94 4.78 -4.72 -1.91
N ARG H 95 5.48 -5.44 -2.80
CA ARG H 95 6.38 -6.51 -2.39
C ARG H 95 7.82 -6.22 -2.84
N THR H 96 8.31 -5.01 -2.52
CA THR H 96 9.59 -4.48 -3.00
C THR H 96 10.75 -5.42 -2.66
N LEU H 97 11.76 -5.50 -3.56
CA LEU H 97 13.03 -6.06 -3.12
C LEU H 97 14.17 -5.08 -3.38
N TYR H 98 14.94 -4.78 -2.32
CA TYR H 98 16.30 -4.29 -2.46
C TYR H 98 17.22 -5.46 -2.74
N GLY H 99 17.99 -5.38 -3.84
CA GLY H 99 18.97 -6.38 -4.20
C GLY H 99 19.45 -6.16 -5.62
N PHE H 100 18.47 -5.98 -6.52
CA PHE H 100 18.73 -6.02 -7.94
C PHE H 100 18.62 -4.66 -8.64
N GLY H 101 18.12 -3.62 -7.95
CA GLY H 101 18.23 -2.26 -8.50
C GLY H 101 17.07 -1.35 -8.14
N GLY H 102 17.27 -0.54 -7.08
CA GLY H 102 16.21 0.22 -6.45
C GLY H 102 15.86 1.51 -7.17
N LYS I 13 -12.03 30.95 -38.90
CA LYS I 13 -13.32 31.37 -38.28
C LYS I 13 -14.49 30.55 -38.83
N THR I 14 -14.59 29.26 -38.45
CA THR I 14 -15.68 28.37 -38.84
C THR I 14 -16.31 27.70 -37.61
N LYS I 15 -16.95 28.53 -36.77
CA LYS I 15 -17.52 28.12 -35.48
C LYS I 15 -16.45 27.44 -34.62
N ALA I 16 -16.86 26.42 -33.85
CA ALA I 16 -15.96 25.54 -33.11
C ALA I 16 -16.64 24.19 -32.90
N VAL I 17 -15.86 23.10 -32.76
CA VAL I 17 -16.43 21.78 -32.51
C VAL I 17 -15.60 21.09 -31.43
N SER I 18 -16.18 20.99 -30.21
CA SER I 18 -15.42 20.62 -29.02
C SER I 18 -14.80 19.25 -29.16
N ARG I 19 -13.63 19.07 -28.52
CA ARG I 19 -12.81 17.88 -28.68
C ARG I 19 -13.53 16.62 -28.18
N SER I 20 -14.43 16.83 -27.19
CA SER I 20 -15.35 15.79 -26.72
C SER I 20 -16.27 15.27 -27.85
N GLN I 21 -16.97 16.15 -28.57
CA GLN I 21 -17.86 15.73 -29.63
C GLN I 21 -17.11 15.14 -30.81
N ARG I 22 -15.89 15.60 -31.06
CA ARG I 22 -15.07 15.02 -32.12
C ARG I 22 -14.69 13.58 -31.75
N ALA I 23 -14.34 13.34 -30.48
CA ALA I 23 -13.95 12.03 -30.00
C ALA I 23 -15.13 11.04 -29.93
N GLY I 24 -16.31 11.57 -29.64
CA GLY I 24 -17.48 10.72 -29.39
C GLY I 24 -17.77 10.51 -27.92
N LEU I 25 -17.31 11.42 -27.05
CA LEU I 25 -17.29 11.22 -25.59
C LEU I 25 -18.12 12.29 -24.90
N GLN I 26 -18.68 11.95 -23.73
CA GLN I 26 -19.38 12.92 -22.89
C GLN I 26 -18.47 13.54 -21.81
N PHE I 27 -17.26 13.02 -21.62
CA PHE I 27 -16.33 13.62 -20.68
C PHE I 27 -15.46 14.67 -21.36
N PRO I 28 -15.00 15.69 -20.58
CA PRO I 28 -14.38 16.89 -21.14
C PRO I 28 -12.93 16.73 -21.55
N VAL I 29 -12.66 16.54 -22.84
CA VAL I 29 -11.30 16.31 -23.30
C VAL I 29 -10.38 17.48 -23.04
N GLY I 30 -10.91 18.72 -23.05
CA GLY I 30 -10.06 19.87 -22.86
C GLY I 30 -9.61 20.02 -21.41
N ARG I 31 -10.57 19.88 -20.52
CA ARG I 31 -10.35 20.08 -19.11
C ARG I 31 -9.34 19.06 -18.65
N ILE I 32 -9.47 17.84 -19.10
CA ILE I 32 -8.60 16.77 -18.67
C ILE I 32 -7.20 17.03 -19.20
N HIS I 33 -7.00 17.53 -20.42
CA HIS I 33 -5.67 17.84 -20.89
C HIS I 33 -4.99 18.88 -20.00
N ARG I 34 -5.70 19.91 -19.62
CA ARG I 34 -5.16 20.93 -18.74
C ARG I 34 -4.99 20.43 -17.31
N HIS I 35 -5.61 19.31 -16.90
CA HIS I 35 -5.35 18.66 -15.64
C HIS I 35 -4.13 17.76 -15.71
N LEU I 36 -3.90 17.09 -16.81
CA LEU I 36 -2.76 16.20 -16.93
C LEU I 36 -1.45 16.96 -16.97
N LYS I 37 -1.38 17.95 -17.85
CA LYS I 37 -0.31 18.93 -17.75
C LYS I 37 -0.50 19.66 -16.44
N SER I 38 0.51 19.80 -15.62
CA SER I 38 0.40 20.28 -14.23
C SER I 38 -0.24 19.26 -13.27
N ARG I 39 -0.12 17.98 -13.63
CA ARG I 39 -0.11 16.88 -12.67
C ARG I 39 1.35 16.52 -12.43
N THR I 40 1.66 15.49 -11.61
CA THR I 40 3.06 15.14 -11.30
C THR I 40 3.66 14.39 -12.51
N THR I 41 3.51 15.02 -13.69
CA THR I 41 3.87 14.45 -14.98
C THR I 41 5.16 15.10 -15.50
N SER I 42 5.77 14.45 -16.50
CA SER I 42 6.89 15.03 -17.24
C SER I 42 6.36 15.96 -18.35
N HIS I 43 7.25 16.73 -18.99
CA HIS I 43 6.94 18.02 -19.60
C HIS I 43 6.45 17.90 -21.05
N GLY I 44 5.40 17.12 -21.36
CA GLY I 44 4.95 16.99 -22.75
C GLY I 44 3.69 16.12 -22.91
N ARG I 45 2.51 16.57 -22.45
CA ARG I 45 1.27 15.77 -22.47
C ARG I 45 0.58 15.85 -23.84
N VAL I 46 0.87 14.90 -24.72
CA VAL I 46 0.23 14.81 -26.02
C VAL I 46 -1.30 14.81 -25.96
N GLY I 47 -1.92 15.50 -26.93
CA GLY I 47 -3.35 15.65 -27.03
C GLY I 47 -4.10 14.35 -27.32
N ALA I 48 -3.59 13.39 -28.13
CA ALA I 48 -4.27 12.09 -28.30
C ALA I 48 -4.33 11.30 -26.99
N THR I 49 -3.47 11.65 -26.02
CA THR I 49 -3.48 10.98 -24.72
C THR I 49 -4.33 11.73 -23.68
N ALA I 50 -5.24 12.58 -24.08
CA ALA I 50 -6.31 13.03 -23.21
C ALA I 50 -7.63 12.43 -23.74
N ALA I 51 -7.74 12.09 -25.04
CA ALA I 51 -8.87 11.30 -25.51
C ALA I 51 -8.75 9.84 -24.96
N VAL I 52 -7.61 9.08 -24.98
CA VAL I 52 -7.56 7.69 -24.46
C VAL I 52 -7.53 7.73 -22.96
N TYR I 53 -8.13 8.74 -22.37
CA TYR I 53 -8.14 8.91 -20.92
C TYR I 53 -9.43 9.57 -20.38
N SER I 54 -10.09 10.39 -21.18
CA SER I 54 -11.50 10.62 -20.95
C SER I 54 -12.26 9.33 -21.20
N ALA I 55 -11.94 8.56 -22.25
CA ALA I 55 -12.61 7.29 -22.47
C ALA I 55 -12.45 6.32 -21.28
N ALA I 56 -11.19 5.99 -20.91
CA ALA I 56 -10.96 5.01 -19.85
C ALA I 56 -11.12 5.70 -18.50
N ILE I 57 -12.06 6.68 -18.42
CA ILE I 57 -12.64 7.19 -17.19
C ILE I 57 -14.17 7.11 -17.32
N LEU I 58 -14.72 7.67 -18.39
CA LEU I 58 -16.14 7.55 -18.62
C LEU I 58 -16.58 6.07 -18.63
N GLU I 59 -15.73 5.10 -19.08
CA GLU I 59 -16.14 3.71 -19.19
C GLU I 59 -16.48 3.15 -17.81
N TYR I 60 -15.75 3.50 -16.74
CA TYR I 60 -16.19 3.12 -15.40
C TYR I 60 -17.53 3.76 -15.02
N LEU I 61 -17.67 5.06 -15.23
CA LEU I 61 -18.95 5.63 -14.87
C LEU I 61 -20.12 5.09 -15.73
N THR I 62 -19.89 4.32 -16.80
CA THR I 62 -20.93 3.44 -17.29
C THR I 62 -20.89 2.17 -16.49
N ALA I 63 -19.79 1.38 -16.54
CA ALA I 63 -19.73 0.03 -16.00
C ALA I 63 -20.01 -0.01 -14.51
N GLU I 64 -20.04 1.15 -13.81
CA GLU I 64 -20.31 1.21 -12.38
C GLU I 64 -21.60 1.95 -12.06
N VAL I 65 -22.20 2.67 -12.99
CA VAL I 65 -23.54 3.25 -12.79
C VAL I 65 -24.60 2.29 -13.34
N LEU I 66 -24.31 1.65 -14.47
CA LEU I 66 -25.15 0.70 -15.17
C LEU I 66 -25.68 -0.30 -14.18
N GLU I 67 -24.78 -0.84 -13.33
CA GLU I 67 -25.19 -1.89 -12.42
C GLU I 67 -25.78 -1.37 -11.13
N LEU I 68 -25.51 -0.12 -10.84
CA LEU I 68 -26.01 0.52 -9.63
C LEU I 68 -27.48 0.97 -9.71
N ALA I 69 -27.85 1.70 -10.77
CA ALA I 69 -29.26 1.95 -11.03
C ALA I 69 -29.98 0.61 -11.20
N GLY I 70 -29.30 -0.41 -11.82
CA GLY I 70 -29.71 -1.82 -11.94
C GLY I 70 -30.16 -2.40 -10.60
N ASN I 71 -29.76 -1.79 -9.45
CA ASN I 71 -30.16 -2.21 -8.11
C ASN I 71 -31.04 -1.19 -7.35
N ALA I 72 -30.93 0.11 -7.64
CA ALA I 72 -31.94 1.05 -7.20
C ALA I 72 -33.33 0.67 -7.71
N SER I 73 -33.44 0.15 -8.95
CA SER I 73 -34.66 -0.39 -9.54
C SER I 73 -35.25 -1.49 -8.68
N LYS I 74 -34.40 -2.42 -8.19
CA LYS I 74 -34.84 -3.61 -7.47
C LYS I 74 -35.40 -3.26 -6.09
N ASP I 75 -34.92 -2.20 -5.45
CA ASP I 75 -35.51 -1.72 -4.21
C ASP I 75 -36.71 -0.78 -4.41
N LEU I 76 -37.13 -0.58 -5.68
CA LEU I 76 -38.32 0.17 -6.07
C LEU I 76 -38.26 1.65 -5.67
N LYS I 77 -37.09 2.30 -5.89
CA LYS I 77 -36.87 3.73 -5.62
C LYS I 77 -36.21 4.41 -6.82
N VAL I 78 -36.45 5.73 -6.99
CA VAL I 78 -36.04 6.46 -8.20
C VAL I 78 -34.59 6.99 -8.12
N LYS I 79 -34.21 7.58 -6.97
CA LYS I 79 -32.93 8.27 -6.79
C LYS I 79 -31.90 7.43 -6.02
N ARG I 80 -30.71 7.24 -6.63
CA ARG I 80 -29.63 6.39 -6.13
C ARG I 80 -28.94 6.97 -4.87
N ILE I 81 -29.49 6.65 -3.68
CA ILE I 81 -28.86 7.06 -2.44
C ILE I 81 -27.57 6.29 -2.30
N THR I 82 -26.77 6.72 -1.32
CA THR I 82 -25.41 6.24 -1.19
C THR I 82 -25.25 4.71 -0.99
N PRO I 83 -26.04 3.94 -0.21
CA PRO I 83 -25.83 2.49 -0.05
C PRO I 83 -25.92 1.73 -1.34
N ARG I 84 -26.56 2.28 -2.35
CA ARG I 84 -26.73 1.53 -3.58
C ARG I 84 -25.39 1.49 -4.31
N HIS I 85 -24.45 2.41 -4.01
CA HIS I 85 -23.10 2.27 -4.49
C HIS I 85 -22.44 1.08 -3.84
N LEU I 86 -22.43 1.03 -2.50
CA LEU I 86 -21.69 0.01 -1.77
C LEU I 86 -22.13 -1.40 -2.22
N GLN I 87 -23.42 -1.57 -2.42
CA GLN I 87 -24.00 -2.85 -2.77
C GLN I 87 -23.71 -3.22 -4.21
N LEU I 88 -22.95 -2.41 -4.96
CA LEU I 88 -22.35 -2.82 -6.24
C LEU I 88 -20.82 -2.77 -6.20
N ALA I 89 -20.29 -1.59 -5.88
CA ALA I 89 -18.88 -1.33 -5.85
C ALA I 89 -18.18 -2.40 -5.00
N ILE I 90 -18.85 -2.92 -3.93
CA ILE I 90 -18.32 -4.01 -3.09
C ILE I 90 -19.29 -5.19 -3.18
N ARG I 91 -19.56 -5.61 -4.44
CA ARG I 91 -20.33 -6.80 -4.78
C ARG I 91 -19.98 -7.38 -6.15
N GLY I 92 -19.78 -6.54 -7.19
CA GLY I 92 -19.18 -6.98 -8.45
C GLY I 92 -17.70 -7.37 -8.27
N ASP I 93 -17.27 -8.48 -8.91
CA ASP I 93 -15.99 -9.11 -8.61
C ASP I 93 -14.80 -8.26 -9.04
N GLU I 94 -14.93 -7.50 -10.14
CA GLU I 94 -13.86 -6.66 -10.65
C GLU I 94 -13.83 -5.32 -9.92
N GLU I 95 -14.98 -4.74 -9.60
CA GLU I 95 -15.03 -3.48 -8.87
C GLU I 95 -14.44 -3.63 -7.47
N LEU I 96 -14.68 -4.76 -6.80
CA LEU I 96 -14.16 -5.05 -5.49
C LEU I 96 -12.64 -5.00 -5.49
N ASP I 97 -11.97 -5.28 -6.63
CA ASP I 97 -10.53 -5.20 -6.80
C ASP I 97 -10.06 -3.78 -7.12
N SER I 98 -10.79 -3.04 -7.96
CA SER I 98 -10.43 -1.68 -8.35
C SER I 98 -10.57 -0.70 -7.18
N LEU I 99 -11.54 -0.92 -6.29
CA LEU I 99 -11.87 0.04 -5.24
C LEU I 99 -11.55 -0.42 -3.80
N ILE I 100 -10.61 -1.38 -3.64
CA ILE I 100 -10.24 -1.99 -2.35
C ILE I 100 -10.10 -0.92 -1.28
N LYS I 101 -9.46 0.19 -1.69
CA LYS I 101 -9.00 1.23 -0.79
C LYS I 101 -10.15 2.09 -0.28
N ALA I 102 -11.37 1.95 -0.85
CA ALA I 102 -12.39 2.95 -0.67
C ALA I 102 -13.43 2.53 0.37
N THR I 103 -13.65 3.44 1.33
CA THR I 103 -14.78 3.45 2.26
C THR I 103 -15.81 4.40 1.68
N ILE I 104 -17.04 3.91 1.48
CA ILE I 104 -18.10 4.76 0.96
C ILE I 104 -18.83 5.43 2.12
N ALA I 105 -18.69 6.73 2.33
CA ALA I 105 -19.25 7.29 3.55
C ALA I 105 -20.78 7.16 3.56
N GLY I 106 -21.35 6.75 4.71
CA GLY I 106 -22.79 6.47 4.83
C GLY I 106 -23.29 5.33 3.95
N GLY I 107 -22.37 4.51 3.44
CA GLY I 107 -22.66 3.45 2.49
C GLY I 107 -23.13 2.16 3.16
N GLY I 108 -23.00 2.03 4.50
CA GLY I 108 -23.44 0.82 5.21
C GLY I 108 -22.50 -0.37 5.10
N VAL I 109 -23.04 -1.61 4.98
CA VAL I 109 -22.26 -2.84 4.82
C VAL I 109 -23.11 -3.89 4.08
N LEU I 110 -22.45 -4.82 3.34
CA LEU I 110 -23.15 -5.88 2.65
C LEU I 110 -23.61 -6.93 3.65
N PRO I 111 -24.92 -7.27 3.75
CA PRO I 111 -25.42 -8.08 4.87
C PRO I 111 -25.08 -9.56 4.74
N HIS I 112 -24.70 -10.17 5.88
CA HIS I 112 -24.22 -11.54 5.94
C HIS I 112 -24.17 -12.02 7.40
N ILE I 113 -24.81 -13.17 7.69
CA ILE I 113 -24.64 -13.93 8.92
C ILE I 113 -23.79 -15.16 8.56
N HIS I 114 -22.79 -15.49 9.40
CA HIS I 114 -21.93 -16.63 9.11
C HIS I 114 -22.71 -17.94 9.27
N LYS I 115 -22.56 -18.87 8.30
CA LYS I 115 -23.39 -20.05 8.13
C LYS I 115 -23.32 -21.01 9.32
N SER I 116 -22.27 -20.88 10.16
CA SER I 116 -22.07 -21.70 11.35
C SER I 116 -22.75 -21.15 12.62
N LEU I 117 -23.20 -19.88 12.61
CA LEU I 117 -23.79 -19.23 13.78
C LEU I 117 -25.32 -19.38 13.83
N ILE I 118 -25.96 -19.69 12.69
CA ILE I 118 -27.37 -20.04 12.62
C ILE I 118 -27.55 -21.47 13.17
N GLY I 119 -28.60 -21.69 13.96
CA GLY I 119 -28.83 -22.96 14.64
C GLY I 119 -29.49 -24.02 13.75
N LYS I 120 -29.70 -25.21 14.36
CA LYS I 120 -30.32 -26.40 13.76
C LYS I 120 -29.55 -26.88 12.50
N SER J 32 -15.12 32.90 -6.06
CA SER J 32 -14.43 32.33 -7.25
C SER J 32 -14.93 30.91 -7.54
N ARG J 33 -14.75 30.45 -8.79
CA ARG J 33 -15.27 29.17 -9.25
C ARG J 33 -14.50 28.00 -8.61
N LYS J 34 -15.18 26.86 -8.41
CA LYS J 34 -14.64 25.72 -7.67
C LYS J 34 -14.41 24.49 -8.55
N GLU J 35 -15.19 24.31 -9.64
CA GLU J 35 -15.00 23.27 -10.66
C GLU J 35 -15.17 21.82 -10.13
N SER J 36 -16.00 21.00 -10.84
CA SER J 36 -16.20 19.59 -10.50
C SER J 36 -16.63 18.75 -11.70
N TYR J 37 -16.53 17.41 -11.59
CA TYR J 37 -17.00 16.53 -12.65
C TYR J 37 -18.50 16.26 -12.57
N SER J 38 -19.23 16.95 -11.68
CA SER J 38 -20.58 16.61 -11.29
C SER J 38 -21.50 16.55 -12.48
N ILE J 39 -21.29 17.35 -13.55
CA ILE J 39 -22.22 17.32 -14.66
C ILE J 39 -22.00 16.14 -15.61
N TYR J 40 -20.77 15.68 -15.78
CA TYR J 40 -20.52 14.59 -16.70
C TYR J 40 -21.02 13.26 -16.13
N VAL J 41 -20.96 13.04 -14.81
CA VAL J 41 -21.52 11.84 -14.23
C VAL J 41 -23.03 11.86 -14.38
N TYR J 42 -23.68 13.02 -14.26
CA TYR J 42 -25.10 13.12 -14.45
C TYR J 42 -25.46 12.87 -15.90
N LYS J 43 -24.70 13.45 -16.81
CA LYS J 43 -24.90 13.24 -18.23
C LYS J 43 -24.78 11.76 -18.59
N VAL J 44 -23.83 11.04 -17.98
CA VAL J 44 -23.65 9.62 -18.22
C VAL J 44 -24.74 8.81 -17.56
N LEU J 45 -25.29 9.25 -16.43
CA LEU J 45 -26.42 8.54 -15.84
C LEU J 45 -27.60 8.51 -16.78
N LYS J 46 -27.97 9.66 -17.38
CA LYS J 46 -29.04 9.72 -18.37
C LYS J 46 -28.75 8.96 -19.67
N GLN J 47 -27.52 8.46 -19.86
CA GLN J 47 -27.16 7.63 -20.98
C GLN J 47 -27.64 6.20 -20.75
N VAL J 48 -27.63 5.74 -19.47
CA VAL J 48 -27.81 4.33 -19.16
C VAL J 48 -29.11 4.03 -18.39
N HIS J 49 -29.63 4.99 -17.61
CA HIS J 49 -30.87 4.80 -16.88
C HIS J 49 -31.78 6.03 -17.03
N PRO J 50 -32.44 6.25 -18.18
CA PRO J 50 -33.08 7.53 -18.47
C PRO J 50 -34.13 8.06 -17.50
N ASP J 51 -34.63 7.21 -16.61
CA ASP J 51 -35.62 7.58 -15.60
C ASP J 51 -35.00 8.02 -14.26
N THR J 52 -33.73 7.64 -14.01
CA THR J 52 -33.13 7.56 -12.69
C THR J 52 -32.31 8.81 -12.34
N GLY J 53 -31.93 8.94 -11.07
CA GLY J 53 -31.23 10.12 -10.57
C GLY J 53 -30.26 9.77 -9.44
N ILE J 54 -29.65 10.84 -8.86
CA ILE J 54 -28.66 10.70 -7.81
C ILE J 54 -29.00 11.64 -6.68
N SER J 55 -28.91 11.17 -5.41
CA SER J 55 -28.95 12.15 -4.32
C SER J 55 -27.63 12.93 -4.18
N SER J 56 -27.68 14.16 -3.67
CA SER J 56 -26.50 14.98 -3.59
C SER J 56 -25.38 14.29 -2.83
N LYS J 57 -25.63 13.63 -1.68
CA LYS J 57 -24.62 12.90 -0.93
C LYS J 57 -24.01 11.76 -1.73
N ALA J 58 -24.78 11.17 -2.63
CA ALA J 58 -24.31 10.11 -3.51
C ALA J 58 -23.68 10.66 -4.79
N MET J 59 -23.66 11.97 -4.97
CA MET J 59 -22.90 12.59 -6.03
C MET J 59 -21.43 12.73 -5.61
N GLY J 60 -21.20 13.13 -4.36
CA GLY J 60 -19.87 13.30 -3.83
C GLY J 60 -19.02 12.05 -3.96
N ILE J 61 -19.63 10.87 -3.88
CA ILE J 61 -18.96 9.61 -4.11
C ILE J 61 -18.41 9.58 -5.55
N MET J 62 -19.24 9.81 -6.56
CA MET J 62 -18.77 9.74 -7.92
C MET J 62 -17.70 10.84 -8.18
N ASN J 63 -17.94 12.04 -7.66
CA ASN J 63 -17.04 13.16 -7.80
C ASN J 63 -15.70 12.94 -7.10
N SER J 64 -15.60 11.96 -6.20
CA SER J 64 -14.33 11.51 -5.60
C SER J 64 -13.71 10.36 -6.39
N PHE J 65 -14.50 9.33 -6.64
CA PHE J 65 -14.07 8.15 -7.36
C PHE J 65 -13.46 8.54 -8.71
N VAL J 66 -14.11 9.45 -9.45
CA VAL J 66 -13.71 9.69 -10.81
C VAL J 66 -12.36 10.41 -10.86
N ASN J 67 -12.00 11.15 -9.81
CA ASN J 67 -10.73 11.83 -9.78
C ASN J 67 -9.63 11.00 -9.09
N ASP J 68 -10.01 10.02 -8.23
CA ASP J 68 -9.06 9.02 -7.77
C ASP J 68 -8.50 8.23 -8.97
N ILE J 69 -9.36 7.70 -9.82
CA ILE J 69 -8.87 6.98 -10.99
C ILE J 69 -8.10 7.89 -11.97
N PHE J 70 -8.39 9.20 -11.97
CA PHE J 70 -7.59 10.16 -12.72
C PHE J 70 -6.15 10.11 -12.20
N GLU J 71 -5.99 10.31 -10.89
CA GLU J 71 -4.68 10.39 -10.29
C GLU J 71 -3.88 9.11 -10.48
N ARG J 72 -4.50 7.94 -10.31
CA ARG J 72 -3.77 6.69 -10.44
C ARG J 72 -3.22 6.52 -11.84
N ILE J 73 -3.99 6.91 -12.87
CA ILE J 73 -3.53 6.83 -14.25
C ILE J 73 -2.42 7.86 -14.54
N ALA J 74 -2.59 9.09 -14.07
CA ALA J 74 -1.56 10.10 -14.23
C ALA J 74 -0.25 9.72 -13.58
N GLY J 75 -0.29 9.24 -12.34
CA GLY J 75 0.88 8.81 -11.60
C GLY J 75 1.61 7.65 -12.25
N GLU J 76 0.90 6.63 -12.73
CA GLU J 76 1.53 5.46 -13.34
C GLU J 76 2.08 5.82 -14.73
N ALA J 77 1.34 6.60 -15.50
CA ALA J 77 1.83 7.03 -16.81
C ALA J 77 3.07 7.91 -16.71
N SER J 78 3.14 8.73 -15.67
CA SER J 78 4.31 9.55 -15.39
C SER J 78 5.53 8.67 -15.11
N ARG J 79 5.42 7.66 -14.24
CA ARG J 79 6.52 6.76 -13.94
C ARG J 79 6.92 5.99 -15.20
N LEU J 80 5.98 5.57 -16.02
CA LEU J 80 6.33 4.82 -17.21
C LEU J 80 7.20 5.63 -18.14
N ALA J 81 6.91 6.92 -18.31
CA ALA J 81 7.72 7.77 -19.16
C ALA J 81 9.13 7.89 -18.58
N HIS J 82 9.22 8.03 -17.26
CA HIS J 82 10.50 8.20 -16.58
C HIS J 82 11.38 6.96 -16.69
N TYR J 83 10.84 5.75 -16.45
CA TYR J 83 11.59 4.51 -16.55
C TYR J 83 12.20 4.34 -17.95
N ASN J 84 11.50 4.78 -18.98
CA ASN J 84 11.97 4.66 -20.35
C ASN J 84 12.68 5.91 -20.87
N LYS J 85 12.94 6.88 -19.97
CA LYS J 85 13.57 8.17 -20.25
C LYS J 85 13.01 8.85 -21.51
N ARG J 86 11.67 8.92 -21.59
CA ARG J 86 10.95 9.83 -22.46
C ARG J 86 10.56 11.10 -21.71
N SER J 87 10.13 12.11 -22.48
CA SER J 87 9.64 13.36 -21.91
C SER J 87 8.13 13.47 -22.10
N THR J 88 7.63 13.08 -23.27
CA THR J 88 6.20 13.15 -23.55
C THR J 88 5.45 12.00 -22.90
N ILE J 89 4.12 12.04 -23.05
CA ILE J 89 3.23 10.96 -22.64
C ILE J 89 2.14 10.77 -23.68
N THR J 90 2.48 10.03 -24.74
CA THR J 90 1.59 9.69 -25.82
C THR J 90 0.53 8.70 -25.36
N SER J 91 -0.37 8.34 -26.29
CA SER J 91 -1.42 7.39 -26.02
C SER J 91 -0.84 6.13 -25.38
N ARG J 92 0.25 5.55 -25.92
CA ARG J 92 0.77 4.27 -25.43
C ARG J 92 1.28 4.38 -23.99
N GLU J 93 1.74 5.56 -23.58
CA GLU J 93 2.17 5.76 -22.20
C GLU J 93 0.99 5.70 -21.24
N ILE J 94 -0.25 5.78 -21.75
CA ILE J 94 -1.45 5.66 -20.93
C ILE J 94 -2.06 4.28 -21.13
N GLN J 95 -2.11 3.77 -22.35
CA GLN J 95 -2.73 2.48 -22.54
C GLN J 95 -2.02 1.42 -21.71
N THR J 96 -0.70 1.60 -21.50
CA THR J 96 0.04 0.70 -20.60
C THR J 96 -0.40 0.97 -19.17
N ALA J 97 -0.46 2.22 -18.74
CA ALA J 97 -0.90 2.52 -17.39
C ALA J 97 -2.30 1.99 -17.03
N VAL J 98 -3.23 1.96 -17.98
CA VAL J 98 -4.53 1.29 -17.82
C VAL J 98 -4.38 -0.23 -17.79
N ARG J 99 -3.53 -0.81 -18.63
CA ARG J 99 -3.39 -2.25 -18.67
C ARG J 99 -2.62 -2.84 -17.47
N LEU J 100 -1.81 -2.05 -16.75
CA LEU J 100 -1.36 -2.40 -15.41
C LEU J 100 -2.53 -2.30 -14.42
N LEU J 101 -3.12 -1.11 -14.34
CA LEU J 101 -3.85 -0.67 -13.15
C LEU J 101 -5.23 -1.33 -12.99
N LEU J 102 -5.89 -1.73 -14.09
CA LEU J 102 -7.22 -2.34 -14.05
C LEU J 102 -7.15 -3.86 -13.93
N PRO J 103 -8.10 -4.48 -13.19
CA PRO J 103 -7.91 -5.82 -12.68
C PRO J 103 -8.13 -6.99 -13.61
N GLY J 104 -8.95 -6.87 -14.65
CA GLY J 104 -9.37 -8.11 -15.28
C GLY J 104 -10.04 -7.91 -16.63
N GLU J 105 -11.32 -8.29 -16.78
CA GLU J 105 -12.06 -7.93 -17.98
C GLU J 105 -12.08 -6.42 -18.19
N LEU J 106 -12.13 -5.63 -17.10
CA LEU J 106 -12.07 -4.17 -17.18
C LEU J 106 -10.85 -3.64 -17.94
N ALA J 107 -9.71 -4.32 -17.89
CA ALA J 107 -8.56 -3.93 -18.68
C ALA J 107 -8.85 -4.09 -20.18
N LYS J 108 -9.26 -5.26 -20.65
CA LYS J 108 -9.45 -5.50 -22.07
C LYS J 108 -10.67 -4.75 -22.59
N HIS J 109 -11.66 -4.43 -21.74
CA HIS J 109 -12.73 -3.53 -22.16
C HIS J 109 -12.26 -2.10 -22.28
N ALA J 110 -11.65 -1.52 -21.23
CA ALA J 110 -11.22 -0.13 -21.26
C ALA J 110 -10.23 0.14 -22.38
N VAL J 111 -9.30 -0.77 -22.66
CA VAL J 111 -8.42 -0.69 -23.82
C VAL J 111 -9.18 -0.73 -25.15
N SER J 112 -10.22 -1.53 -25.25
CA SER J 112 -11.02 -1.60 -26.45
C SER J 112 -11.91 -0.38 -26.61
N GLU J 113 -12.20 0.33 -25.50
CA GLU J 113 -13.05 1.52 -25.49
C GLU J 113 -12.24 2.78 -25.86
N GLY J 114 -11.11 2.97 -25.22
CA GLY J 114 -10.23 4.07 -25.53
C GLY J 114 -9.69 4.05 -26.96
N THR J 115 -9.43 2.88 -27.54
CA THR J 115 -8.99 2.81 -28.94
C THR J 115 -10.12 3.11 -29.91
N LYS J 116 -11.39 3.20 -29.48
CA LYS J 116 -12.43 3.78 -30.30
C LYS J 116 -12.19 5.28 -30.35
N ALA J 117 -12.07 5.91 -29.18
CA ALA J 117 -12.06 7.35 -29.06
C ALA J 117 -10.93 8.01 -29.86
N VAL J 118 -9.70 7.59 -29.68
CA VAL J 118 -8.64 8.19 -30.46
C VAL J 118 -8.79 7.85 -31.96
N THR J 119 -9.30 6.68 -32.33
CA THR J 119 -9.46 6.34 -33.74
C THR J 119 -10.52 7.25 -34.38
N LYS J 120 -11.56 7.63 -33.67
CA LYS J 120 -12.53 8.59 -34.17
C LYS J 120 -11.92 9.99 -34.20
N TYR J 121 -11.24 10.40 -33.12
CA TYR J 121 -10.67 11.72 -33.06
C TYR J 121 -9.73 12.00 -34.22
N THR J 122 -8.87 11.05 -34.59
CA THR J 122 -7.91 11.22 -35.68
C THR J 122 -8.58 11.03 -37.05
N SER J 123 -9.88 11.38 -37.16
CA SER J 123 -10.56 11.52 -38.44
C SER J 123 -11.38 12.84 -38.47
#